data_3ZJT
#
_entry.id   3ZJT
#
_cell.length_a   76.900
_cell.length_b   118.800
_cell.length_c   140.400
_cell.angle_alpha   90.00
_cell.angle_beta   90.00
_cell.angle_gamma   90.00
#
_symmetry.space_group_name_H-M   'P 21 21 21'
#
loop_
_entity.id
_entity.type
_entity.pdbx_description
1 polymer 'LEUCYL-TRNA SYNTHETASE'
2 polymer 'TRNALEU5 UAA ISOACCEPTOR'
3 non-polymer 'MAGNESIUM ION'
4 water water
#
loop_
_entity_poly.entity_id
_entity_poly.type
_entity_poly.pdbx_seq_one_letter_code
_entity_poly.pdbx_strand_id
1 'polypeptide(L)'
;MGSSHHHHHHSSGLVPRGSHMQEQYRPEEIESKVQLHWDEKRTFEVTEDESKEKYYCLSMLPYPSGRLHMGHVRNYTIGD
VIARYQRMLGKNVLQPIGWDAFGLPAEGAAVKNNTAPAPWTYDNIAYMKNQLKMLGFGYDWSRELATCTPEYYRWEQKFF
TELYKKGLVYKKTSAVNWCPNDQTVLANEQVIDGCCWRCDTKVERKEIPQWFIKITAYADELLNDLDKLDHWPDTVKTMQ
RNWIGRSEGVEITFNVNDYDNTLTVYTTRPDTFMGCTYLAVAAGHPLAQKAAENNPELAAFIDECRNTKVAEAEMATMEK
KGVDTGFKAVHPLTGEEIPVWAANFVLMEYGTGAVMAVPGHDQRDYEFASKYGLNIKPVILAADGSEPDLSQQALTEKGV
LFNSGEFNGLDHEAAFNAIADKLTAMGVGERKVNYRLRDWGVSRQRYWGAPIPMVTLEDGTVMPTPDDQLPVILPEDVVM
DGITSPIKADPEWAKTTVNGMPALRETDTFDTFMESSWYYARYTCPQYKEGMLDSEAANYWLPVDIYIGGIEHAIMHLLY
FRFFHKLMRDAGMVNSDEPAKQLLCQGMVLADAFYYVGENGERNWVSPVDAIVERDEKGRIVKAKDAAGHELVYTGMSKM
SKSKNNGIDPQVMVERYGADTVRLFMMFASPADMTLEWQESGVEGANRFLKRVWKLVYEHTAKGDVAALNVDALTENQKA
LRRDVHKTIAKVTDDIGRRQTFNTAIAAIMELMNKLAKAPTDGEQDRALMQEALLAVVRMLNPFTPHICFTLWQELKGEG
DIDNAPWPVADEKAMVEDSTLVVVQVNGKVRAKITVPVDATEEQVRERAGQEHLVAKYLDGVTVRKVIYVPGKLLNLVVG
;
A
2 'polyribonucleotide'
;GGCCCGGAUGGUGGAAUCGGUAGACACAAGGGGUUUAAAAUCCCUCGGCGUUCGCGCUGUGCGGGUUCAAGUCCCGCUCC
GGGUACC(574)
;
B
#
# COMPACT_ATOMS: atom_id res chain seq x y z
N MET A 21 -28.18 30.15 15.65
CA MET A 21 -27.81 28.73 15.38
C MET A 21 -29.06 27.86 15.19
N GLN A 22 -29.13 27.18 14.06
CA GLN A 22 -30.22 26.22 13.79
C GLN A 22 -30.21 25.09 14.79
N GLU A 23 -31.39 24.74 15.30
CA GLU A 23 -31.46 23.63 16.22
C GLU A 23 -31.08 22.30 15.57
N GLN A 24 -31.45 22.14 14.31
CA GLN A 24 -31.32 20.86 13.62
C GLN A 24 -29.97 20.82 12.89
N TYR A 25 -29.22 19.73 13.08
CA TYR A 25 -28.03 19.47 12.27
C TYR A 25 -28.43 19.04 10.88
N ARG A 26 -28.16 19.87 9.89
CA ARG A 26 -28.56 19.53 8.52
C ARG A 26 -27.37 19.54 7.54
N PRO A 27 -26.75 18.37 7.32
CA PRO A 27 -25.61 18.24 6.45
C PRO A 27 -25.86 18.94 5.12
N GLU A 28 -27.06 18.76 4.59
CA GLU A 28 -27.41 19.27 3.26
C GLU A 28 -27.34 20.80 3.21
N GLU A 29 -27.55 21.46 4.36
CA GLU A 29 -27.52 22.91 4.38
C GLU A 29 -26.14 23.45 4.80
N ILE A 30 -25.18 22.56 5.02
CA ILE A 30 -23.91 23.00 5.53
C ILE A 30 -22.77 22.66 4.60
N GLU A 31 -22.74 21.41 4.13
CA GLU A 31 -21.57 20.88 3.51
C GLU A 31 -21.22 21.59 2.19
N SER A 32 -22.21 21.82 1.33
CA SER A 32 -21.92 22.48 0.05
C SER A 32 -21.48 23.93 0.25
N LYS A 33 -21.98 24.57 1.30
CA LYS A 33 -21.58 25.97 1.57
C LYS A 33 -20.14 26.09 2.00
N VAL A 34 -19.75 25.27 2.98
CA VAL A 34 -18.33 25.24 3.37
C VAL A 34 -17.43 24.88 2.19
N GLN A 35 -17.88 23.93 1.37
CA GLN A 35 -17.10 23.51 0.23
C GLN A 35 -16.86 24.70 -0.70
N LEU A 36 -17.91 25.51 -0.89
CA LEU A 36 -17.83 26.67 -1.77
C LEU A 36 -16.87 27.71 -1.14
N HIS A 37 -16.94 27.85 0.18
CA HIS A 37 -15.99 28.67 0.92
C HIS A 37 -14.55 28.23 0.61
N TRP A 38 -14.29 26.93 0.70
CA TRP A 38 -12.92 26.42 0.45
C TRP A 38 -12.42 26.79 -0.95
N ASP A 39 -13.31 26.71 -1.94
CA ASP A 39 -12.94 27.08 -3.30
C ASP A 39 -12.78 28.58 -3.46
N GLU A 40 -13.70 29.34 -2.87
CA GLU A 40 -13.68 30.79 -3.02
C GLU A 40 -12.46 31.37 -2.36
N LYS A 41 -12.13 30.88 -1.16
CA LYS A 41 -10.94 31.39 -0.49
C LYS A 41 -9.66 30.68 -0.91
N ARG A 42 -9.80 29.59 -1.67
CA ARG A 42 -8.61 28.80 -2.05
C ARG A 42 -7.86 28.36 -0.80
N THR A 43 -8.63 27.96 0.19
CA THR A 43 -8.09 27.68 1.51
C THR A 43 -6.88 26.76 1.46
N PHE A 44 -6.94 25.71 0.65
CA PHE A 44 -5.88 24.69 0.64
C PHE A 44 -4.81 24.83 -0.46
N GLU A 45 -4.75 26.00 -1.09
CA GLU A 45 -3.68 26.30 -2.02
C GLU A 45 -2.44 26.83 -1.36
N VAL A 46 -1.31 26.26 -1.72
CA VAL A 46 -0.09 26.57 -1.03
C VAL A 46 1.01 26.92 -2.01
N THR A 47 2.02 27.60 -1.49
CA THR A 47 3.16 27.95 -2.32
C THR A 47 4.41 27.40 -1.63
N GLU A 48 5.53 27.49 -2.31
CA GLU A 48 6.83 27.10 -1.74
C GLU A 48 7.36 28.11 -0.74
N ASP A 49 6.68 28.26 0.39
CA ASP A 49 7.05 29.27 1.37
C ASP A 49 8.21 28.81 2.30
N GLU A 50 9.41 29.36 2.08
CA GLU A 50 10.60 28.96 2.84
C GLU A 50 10.52 29.36 4.30
N SER A 51 9.60 30.23 4.68
CA SER A 51 9.53 30.58 6.09
C SER A 51 8.65 29.59 6.93
N LYS A 52 8.11 28.57 6.28
CA LYS A 52 7.29 27.60 7.00
C LYS A 52 7.88 26.20 6.87
N GLU A 53 7.59 25.35 7.84
CA GLU A 53 7.92 23.95 7.71
C GLU A 53 6.90 23.29 6.79
N LYS A 54 7.40 22.57 5.78
CA LYS A 54 6.52 21.94 4.78
C LYS A 54 6.09 20.55 5.21
N TYR A 55 4.99 20.09 4.63
CA TYR A 55 4.55 18.73 4.85
C TYR A 55 3.78 18.33 3.60
N TYR A 56 4.19 17.25 2.98
CA TYR A 56 3.61 16.81 1.74
C TYR A 56 2.83 15.54 2.04
N CYS A 57 1.51 15.63 2.05
CA CYS A 57 0.64 14.49 2.22
C CYS A 57 0.07 14.02 0.87
N LEU A 58 0.39 12.78 0.48
CA LEU A 58 0.03 12.27 -0.84
C LEU A 58 -0.79 10.98 -0.74
N SER A 59 -1.95 10.98 -1.41
CA SER A 59 -2.71 9.80 -1.67
C SER A 59 -2.61 9.35 -3.13
N MET A 60 -2.63 8.04 -3.37
CA MET A 60 -2.48 7.51 -4.71
C MET A 60 -3.63 7.98 -5.60
N LEU A 61 -3.28 8.56 -6.74
CA LEU A 61 -4.26 9.29 -7.53
C LEU A 61 -5.25 8.30 -8.17
N PRO A 62 -6.49 8.71 -8.41
CA PRO A 62 -7.48 7.72 -8.84
C PRO A 62 -7.41 7.52 -10.35
N TYR A 63 -7.79 6.35 -10.81
CA TYR A 63 -8.10 6.15 -12.23
C TYR A 63 -9.54 6.67 -12.40
N PRO A 64 -9.81 7.50 -13.44
CA PRO A 64 -11.18 8.00 -13.69
C PRO A 64 -12.13 6.93 -14.28
N SER A 65 -12.55 5.98 -13.46
CA SER A 65 -13.37 4.88 -13.95
C SER A 65 -14.84 5.29 -14.13
N GLY A 66 -15.29 6.30 -13.37
CA GLY A 66 -16.69 6.74 -13.46
C GLY A 66 -17.28 7.21 -12.14
N ARG A 67 -17.00 6.48 -11.06
CA ARG A 67 -17.36 6.93 -9.73
C ARG A 67 -16.35 6.50 -8.67
N LEU A 68 -16.37 7.18 -7.54
CA LEU A 68 -15.53 6.75 -6.43
C LEU A 68 -16.05 5.40 -5.93
N HIS A 69 -15.14 4.52 -5.58
CA HIS A 69 -15.47 3.36 -4.76
C HIS A 69 -15.13 3.61 -3.28
N MET A 70 -15.56 2.71 -2.41
CA MET A 70 -15.30 2.83 -0.98
C MET A 70 -13.81 2.88 -0.63
N GLY A 71 -12.98 2.18 -1.39
CA GLY A 71 -11.51 2.28 -1.15
C GLY A 71 -10.91 3.66 -1.41
N HIS A 72 -11.38 4.37 -2.46
CA HIS A 72 -10.92 5.74 -2.66
C HIS A 72 -11.35 6.50 -1.41
N VAL A 73 -12.57 6.26 -0.96
CA VAL A 73 -13.08 7.10 0.09
C VAL A 73 -12.28 6.90 1.37
N ARG A 74 -11.88 5.65 1.66
CA ARG A 74 -11.01 5.42 2.84
C ARG A 74 -9.61 6.00 2.64
N ASN A 75 -9.03 5.75 1.47
CA ASN A 75 -7.69 6.25 1.15
C ASN A 75 -7.64 7.77 1.34
N TYR A 76 -8.61 8.47 0.77
CA TYR A 76 -8.54 9.95 0.72
C TYR A 76 -9.02 10.63 2.01
N THR A 77 -9.92 9.97 2.76
CA THR A 77 -10.21 10.45 4.09
C THR A 77 -9.00 10.39 5.02
N ILE A 78 -8.31 9.24 5.03
CA ILE A 78 -7.05 9.14 5.73
C ILE A 78 -6.06 10.26 5.38
N GLY A 79 -5.78 10.45 4.08
CA GLY A 79 -4.94 11.60 3.63
C GLY A 79 -5.45 12.96 4.09
N ASP A 80 -6.76 13.18 3.97
CA ASP A 80 -7.32 14.46 4.34
C ASP A 80 -7.25 14.75 5.87
N VAL A 81 -7.45 13.71 6.69
CA VAL A 81 -7.30 13.87 8.13
C VAL A 81 -5.91 14.36 8.43
N ILE A 82 -4.92 13.71 7.85
CA ILE A 82 -3.52 14.05 8.09
C ILE A 82 -3.17 15.45 7.57
N ALA A 83 -3.64 15.79 6.37
CA ALA A 83 -3.33 17.08 5.77
C ALA A 83 -3.93 18.20 6.64
N ARG A 84 -5.18 18.01 7.07
CA ARG A 84 -5.83 19.09 7.87
C ARG A 84 -5.21 19.18 9.27
N TYR A 85 -4.89 18.04 9.85
CA TYR A 85 -4.22 18.01 11.11
C TYR A 85 -2.88 18.74 11.04
N GLN A 86 -2.06 18.39 10.04
CA GLN A 86 -0.72 18.96 9.96
C GLN A 86 -0.79 20.48 9.72
N ARG A 87 -1.82 20.94 9.01
CA ARG A 87 -2.03 22.37 8.83
C ARG A 87 -2.30 23.06 10.15
N MET A 88 -3.18 22.47 10.95
CA MET A 88 -3.48 22.99 12.29
C MET A 88 -2.26 22.96 13.23
N LEU A 89 -1.30 22.06 13.00
CA LEU A 89 0.01 22.13 13.70
C LEU A 89 0.89 23.31 13.21
N GLY A 90 0.44 24.06 12.20
CA GLY A 90 1.19 25.22 11.72
C GLY A 90 2.15 24.89 10.58
N LYS A 91 1.98 23.72 9.95
CA LYS A 91 2.80 23.42 8.77
C LYS A 91 2.20 23.92 7.47
N ASN A 92 3.07 24.10 6.47
CA ASN A 92 2.64 24.41 5.14
C ASN A 92 2.39 23.10 4.42
N VAL A 93 1.14 22.77 4.19
CA VAL A 93 0.77 21.40 3.81
C VAL A 93 0.32 21.36 2.34
N LEU A 94 0.99 20.53 1.55
CA LEU A 94 0.58 20.20 0.18
C LEU A 94 -0.21 18.87 0.18
N GLN A 95 -1.46 18.91 -0.33
CA GLN A 95 -2.27 17.73 -0.55
C GLN A 95 -2.87 17.82 -1.96
N PRO A 96 -2.26 17.11 -2.93
CA PRO A 96 -2.67 17.30 -4.34
C PRO A 96 -3.56 16.16 -4.81
N ILE A 97 -4.34 16.40 -5.87
CA ILE A 97 -5.20 15.41 -6.45
C ILE A 97 -5.04 15.48 -7.97
N GLY A 98 -5.38 14.41 -8.65
CA GLY A 98 -5.18 14.32 -10.10
C GLY A 98 -5.74 13.02 -10.62
N TRP A 99 -5.53 12.74 -11.90
CA TRP A 99 -6.20 11.67 -12.59
C TRP A 99 -5.21 10.87 -13.45
N ASP A 100 -5.13 9.59 -13.20
CA ASP A 100 -4.25 8.68 -13.95
C ASP A 100 -5.13 8.25 -15.13
N ALA A 101 -5.06 8.97 -16.23
CA ALA A 101 -6.23 9.07 -17.11
C ALA A 101 -6.12 8.22 -18.39
N PHE A 102 -4.92 7.76 -18.69
CA PHE A 102 -4.74 6.84 -19.80
C PHE A 102 -5.09 5.43 -19.36
N GLY A 103 -5.22 4.51 -20.30
CA GLY A 103 -5.33 3.11 -19.93
C GLY A 103 -6.51 2.39 -20.54
N LEU A 104 -6.59 1.09 -20.26
CA LEU A 104 -7.47 0.16 -20.98
C LEU A 104 -8.96 0.35 -20.82
N PRO A 105 -9.42 0.51 -19.57
CA PRO A 105 -10.88 0.53 -19.41
C PRO A 105 -11.55 1.58 -20.29
N ALA A 106 -10.85 2.65 -20.65
CA ALA A 106 -11.44 3.64 -21.56
C ALA A 106 -11.62 3.10 -22.99
N GLU A 107 -10.72 2.25 -23.44
CA GLU A 107 -10.89 1.69 -24.78
C GLU A 107 -12.08 0.75 -24.80
N GLY A 108 -12.20 -0.09 -23.78
CA GLY A 108 -13.36 -0.94 -23.63
C GLY A 108 -14.64 -0.14 -23.71
N ALA A 109 -14.74 0.86 -22.83
CA ALA A 109 -15.94 1.68 -22.73
C ALA A 109 -16.19 2.54 -23.98
N ALA A 110 -15.14 2.92 -24.69
CA ALA A 110 -15.31 3.72 -25.90
C ALA A 110 -16.05 2.87 -26.91
N VAL A 111 -15.64 1.62 -27.01
CA VAL A 111 -16.24 0.69 -27.95
C VAL A 111 -17.65 0.29 -27.49
N LYS A 112 -17.83 0.08 -26.20
CA LYS A 112 -19.11 -0.36 -25.67
C LYS A 112 -20.18 0.72 -25.83
N ASN A 113 -19.82 1.97 -25.56
CA ASN A 113 -20.67 3.11 -25.95
C ASN A 113 -20.35 3.52 -27.37
N ASN A 114 -20.98 4.56 -27.87
CA ASN A 114 -20.69 4.93 -29.26
C ASN A 114 -19.68 6.06 -29.35
N THR A 115 -18.52 5.86 -28.74
CA THR A 115 -17.72 6.99 -28.26
C THR A 115 -16.19 6.81 -28.39
N ALA A 116 -15.44 7.76 -27.85
CA ALA A 116 -13.97 7.74 -27.92
C ALA A 116 -13.41 7.80 -26.48
N PRO A 117 -12.21 7.25 -26.27
CA PRO A 117 -11.71 7.18 -24.89
C PRO A 117 -11.57 8.56 -24.21
N ALA A 118 -11.12 9.58 -24.94
CA ALA A 118 -10.91 10.88 -24.34
C ALA A 118 -12.19 11.45 -23.73
N PRO A 119 -13.24 11.67 -24.56
CA PRO A 119 -14.42 12.33 -23.99
C PRO A 119 -15.02 11.52 -22.85
N TRP A 120 -15.00 10.19 -22.97
CA TRP A 120 -15.43 9.34 -21.85
C TRP A 120 -14.56 9.61 -20.60
N THR A 121 -13.26 9.72 -20.79
CA THR A 121 -12.37 9.98 -19.66
C THR A 121 -12.65 11.36 -19.06
N TYR A 122 -12.79 12.40 -19.90
CA TYR A 122 -13.06 13.73 -19.32
C TYR A 122 -14.38 13.80 -18.59
N ASP A 123 -15.40 13.13 -19.13
CA ASP A 123 -16.68 13.06 -18.43
C ASP A 123 -16.49 12.42 -17.03
N ASN A 124 -15.72 11.33 -16.94
CA ASN A 124 -15.55 10.64 -15.67
C ASN A 124 -14.80 11.50 -14.69
N ILE A 125 -13.80 12.24 -15.19
CA ILE A 125 -13.07 13.17 -14.38
C ILE A 125 -13.96 14.24 -13.71
N ALA A 126 -14.79 14.92 -14.51
CA ALA A 126 -15.71 15.94 -13.94
C ALA A 126 -16.63 15.34 -12.87
N TYR A 127 -17.23 14.19 -13.16
CA TYR A 127 -18.13 13.52 -12.23
C TYR A 127 -17.42 13.13 -10.90
N MET A 128 -16.25 12.52 -11.00
CA MET A 128 -15.50 12.11 -9.84
C MET A 128 -14.91 13.28 -9.06
N LYS A 129 -14.44 14.31 -9.78
CA LYS A 129 -14.04 15.55 -9.14
C LYS A 129 -15.17 16.12 -8.25
N ASN A 130 -16.39 16.13 -8.76
CA ASN A 130 -17.52 16.65 -7.99
C ASN A 130 -17.78 15.76 -6.73
N GLN A 131 -17.57 14.47 -6.87
CA GLN A 131 -17.66 13.60 -5.70
C GLN A 131 -16.58 13.89 -4.67
N LEU A 132 -15.33 14.08 -5.12
CA LEU A 132 -14.25 14.40 -4.17
C LEU A 132 -14.59 15.70 -3.44
N LYS A 133 -15.10 16.68 -4.17
CA LYS A 133 -15.42 17.95 -3.54
C LYS A 133 -16.60 17.82 -2.59
N MET A 134 -17.57 16.99 -2.95
CA MET A 134 -18.65 16.66 -2.04
C MET A 134 -18.23 15.94 -0.77
N LEU A 135 -17.09 15.26 -0.82
CA LEU A 135 -16.56 14.66 0.39
C LEU A 135 -15.71 15.68 1.19
N GLY A 136 -15.50 16.86 0.60
CA GLY A 136 -14.77 17.94 1.30
C GLY A 136 -13.29 17.64 1.54
N PHE A 137 -12.65 16.98 0.58
CA PHE A 137 -11.21 16.78 0.69
C PHE A 137 -10.49 18.08 0.39
N GLY A 138 -9.59 18.50 1.26
CA GLY A 138 -8.97 19.81 1.11
C GLY A 138 -7.77 19.79 0.20
N TYR A 139 -8.01 19.74 -1.11
CA TYR A 139 -6.93 19.62 -2.07
C TYR A 139 -6.54 20.98 -2.55
N ASP A 140 -5.28 21.10 -2.96
CA ASP A 140 -4.87 22.28 -3.70
C ASP A 140 -5.27 22.08 -5.15
N TRP A 141 -6.50 22.50 -5.46
CA TRP A 141 -7.06 22.24 -6.76
C TRP A 141 -6.26 22.93 -7.87
N SER A 142 -5.55 24.01 -7.54
CA SER A 142 -4.68 24.64 -8.53
C SER A 142 -3.56 23.70 -9.05
N ARG A 143 -3.31 22.59 -8.34
CA ARG A 143 -2.22 21.69 -8.75
C ARG A 143 -2.74 20.45 -9.47
N GLU A 144 -4.04 20.46 -9.77
CA GLU A 144 -4.72 19.29 -10.29
C GLU A 144 -4.14 18.95 -11.64
N LEU A 145 -3.84 17.67 -11.87
CA LEU A 145 -3.25 17.18 -13.12
C LEU A 145 -4.11 16.03 -13.65
N ALA A 146 -4.30 15.99 -14.97
CA ALA A 146 -4.80 14.81 -15.65
C ALA A 146 -3.75 14.28 -16.60
N THR A 147 -3.35 13.01 -16.46
CA THR A 147 -2.13 12.51 -17.10
C THR A 147 -2.26 12.30 -18.61
N CYS A 148 -3.48 12.34 -19.12
CA CYS A 148 -3.70 12.13 -20.55
C CYS A 148 -3.63 13.43 -21.32
N THR A 149 -3.28 14.54 -20.65
CA THR A 149 -3.21 15.82 -21.37
C THR A 149 -1.79 16.05 -21.80
N PRO A 150 -1.61 16.66 -22.99
CA PRO A 150 -0.28 16.84 -23.54
C PRO A 150 0.60 17.64 -22.61
N GLU A 151 0.00 18.57 -21.88
CA GLU A 151 0.74 19.34 -20.89
C GLU A 151 1.43 18.47 -19.85
N TYR A 152 0.86 17.31 -19.57
CA TYR A 152 1.50 16.40 -18.65
C TYR A 152 2.44 15.50 -19.41
N TYR A 153 1.92 14.77 -20.41
CA TYR A 153 2.71 13.70 -20.98
C TYR A 153 3.91 14.15 -21.85
N ARG A 154 3.91 15.40 -22.30
CA ARG A 154 5.04 15.86 -23.13
C ARG A 154 6.35 15.65 -22.34
N TRP A 155 6.26 15.73 -21.01
CA TRP A 155 7.45 15.72 -20.19
C TRP A 155 8.02 14.33 -20.05
N GLU A 156 7.18 13.30 -19.98
CA GLU A 156 7.71 11.96 -19.94
C GLU A 156 8.30 11.56 -21.30
N GLN A 157 7.78 12.18 -22.37
CA GLN A 157 8.34 11.97 -23.72
C GLN A 157 9.71 12.55 -23.82
N LYS A 158 9.86 13.79 -23.41
CA LYS A 158 11.16 14.44 -23.36
C LYS A 158 12.15 13.66 -22.49
N PHE A 159 11.69 13.26 -21.29
CA PHE A 159 12.54 12.50 -20.37
C PHE A 159 12.91 11.14 -20.96
N PHE A 160 11.98 10.53 -21.68
CA PHE A 160 12.31 9.28 -22.36
C PHE A 160 13.43 9.45 -23.39
N THR A 161 13.41 10.53 -24.19
CA THR A 161 14.50 10.76 -25.18
C THR A 161 15.86 10.95 -24.45
N GLU A 162 15.81 11.59 -23.28
CA GLU A 162 17.00 11.83 -22.46
CA GLU A 162 17.02 11.83 -22.50
C GLU A 162 17.54 10.52 -21.91
N LEU A 163 16.62 9.67 -21.46
CA LEU A 163 16.95 8.38 -20.91
C LEU A 163 17.63 7.57 -22.00
N TYR A 164 17.09 7.64 -23.22
CA TYR A 164 17.66 6.91 -24.34
C TYR A 164 19.09 7.39 -24.61
N LYS A 165 19.32 8.69 -24.46
CA LYS A 165 20.62 9.25 -24.73
C LYS A 165 21.62 8.94 -23.65
N LYS A 166 21.14 8.70 -22.43
CA LYS A 166 21.99 8.25 -21.34
C LYS A 166 22.33 6.76 -21.47
N GLY A 167 21.80 6.09 -22.50
CA GLY A 167 22.05 4.66 -22.67
C GLY A 167 21.21 3.72 -21.79
N LEU A 168 20.00 4.16 -21.41
CA LEU A 168 19.18 3.40 -20.49
C LEU A 168 17.91 2.86 -21.17
N VAL A 169 17.82 3.01 -22.49
CA VAL A 169 16.67 2.58 -23.23
C VAL A 169 17.08 1.76 -24.46
N TYR A 170 16.36 0.68 -24.75
CA TYR A 170 16.64 -0.14 -25.93
C TYR A 170 15.39 -0.86 -26.40
N LYS A 171 15.33 -1.15 -27.71
CA LYS A 171 14.23 -1.91 -28.30
C LYS A 171 14.63 -3.36 -28.44
N LYS A 172 13.69 -4.27 -28.23
CA LYS A 172 13.98 -5.69 -28.30
C LYS A 172 12.69 -6.50 -28.41
N THR A 173 12.73 -7.65 -29.10
CA THR A 173 11.57 -8.56 -29.16
C THR A 173 11.52 -9.48 -27.94
N SER A 174 10.32 -9.73 -27.42
CA SER A 174 10.16 -10.52 -26.21
C SER A 174 8.78 -11.13 -26.07
N ALA A 175 8.63 -12.08 -25.14
CA ALA A 175 7.31 -12.60 -24.75
C ALA A 175 6.43 -11.53 -24.07
N VAL A 176 5.12 -11.77 -24.02
CA VAL A 176 4.20 -10.89 -23.26
C VAL A 176 3.22 -11.69 -22.39
N GLU A 207 5.13 -12.94 -28.84
CA GLU A 207 6.41 -12.25 -28.92
C GLU A 207 6.35 -11.04 -29.86
N ILE A 208 6.71 -9.87 -29.35
CA ILE A 208 6.51 -8.60 -30.06
C ILE A 208 7.62 -7.60 -29.67
N PRO A 209 7.97 -6.65 -30.59
CA PRO A 209 9.04 -5.76 -30.15
C PRO A 209 8.57 -4.80 -29.08
N GLN A 210 9.49 -4.38 -28.23
CA GLN A 210 9.14 -3.56 -27.10
C GLN A 210 10.27 -2.61 -26.81
N TRP A 211 9.91 -1.47 -26.20
CA TRP A 211 10.88 -0.60 -25.60
C TRP A 211 11.08 -0.92 -24.14
N PHE A 212 12.33 -1.10 -23.74
CA PHE A 212 12.72 -1.34 -22.35
C PHE A 212 13.51 -0.16 -21.79
N ILE A 213 13.35 0.06 -20.49
CA ILE A 213 14.19 1.00 -19.74
C ILE A 213 14.97 0.15 -18.74
N LYS A 214 16.28 0.40 -18.60
CA LYS A 214 17.15 -0.48 -17.82
C LYS A 214 17.00 -0.32 -16.33
N ILE A 215 15.90 -0.83 -15.78
CA ILE A 215 15.75 -0.85 -14.35
C ILE A 215 16.85 -1.71 -13.66
N THR A 216 17.39 -2.72 -14.36
CA THR A 216 18.45 -3.57 -13.79
C THR A 216 19.71 -2.77 -13.48
N ALA A 217 19.94 -1.67 -14.20
CA ALA A 217 21.07 -0.77 -13.87
C ALA A 217 20.93 -0.10 -12.49
N TYR A 218 19.77 -0.21 -11.85
CA TYR A 218 19.57 0.36 -10.52
C TYR A 218 19.15 -0.70 -9.49
N ALA A 219 19.35 -1.97 -9.83
CA ALA A 219 18.88 -3.08 -8.94
C ALA A 219 19.48 -2.99 -7.54
N ASP A 220 20.80 -2.81 -7.47
CA ASP A 220 21.46 -2.79 -6.17
C ASP A 220 21.06 -1.58 -5.30
N GLU A 221 20.85 -0.44 -5.95
CA GLU A 221 20.34 0.71 -5.20
C GLU A 221 18.91 0.46 -4.73
N LEU A 222 18.06 -0.01 -5.62
CA LEU A 222 16.68 -0.24 -5.19
C LEU A 222 16.68 -1.21 -4.02
N LEU A 223 17.59 -2.18 -4.08
CA LEU A 223 17.71 -3.17 -3.02
C LEU A 223 18.35 -2.60 -1.75
N ASN A 224 19.51 -1.95 -1.85
CA ASN A 224 20.18 -1.39 -0.64
C ASN A 224 19.31 -0.36 0.10
N ASP A 225 18.74 0.58 -0.68
CA ASP A 225 17.95 1.66 -0.10
C ASP A 225 16.67 1.28 0.65
N LEU A 226 16.20 0.06 0.44
CA LEU A 226 15.15 -0.51 1.27
C LEU A 226 15.52 -0.41 2.74
N ASP A 227 16.82 -0.47 3.06
CA ASP A 227 17.29 -0.32 4.43
C ASP A 227 17.19 1.13 4.94
N LYS A 228 17.04 2.09 4.06
CA LYS A 228 16.76 3.45 4.50
C LYS A 228 15.26 3.68 4.79
N LEU A 229 14.40 2.70 4.51
CA LEU A 229 12.97 2.99 4.57
C LEU A 229 12.28 2.41 5.83
N ASP A 230 12.60 2.96 6.99
CA ASP A 230 12.06 2.40 8.25
C ASP A 230 10.60 2.69 8.39
N HIS A 231 10.12 3.72 7.72
CA HIS A 231 8.70 4.03 7.82
C HIS A 231 7.94 3.54 6.63
N TRP A 232 8.53 2.58 5.91
CA TRP A 232 7.74 1.70 4.99
C TRP A 232 7.43 0.36 5.68
N PRO A 233 6.29 -0.25 5.36
CA PRO A 233 6.04 -1.49 6.13
C PRO A 233 6.92 -2.62 5.64
N ASP A 234 7.35 -3.48 6.56
CA ASP A 234 8.15 -4.66 6.22
C ASP A 234 7.57 -5.45 5.08
N THR A 235 6.26 -5.64 5.11
CA THR A 235 5.69 -6.48 4.07
C THR A 235 6.03 -5.94 2.67
N VAL A 236 5.92 -4.63 2.48
CA VAL A 236 6.17 -4.04 1.15
C VAL A 236 7.66 -4.15 0.76
N LYS A 237 8.53 -3.89 1.74
CA LYS A 237 9.99 -4.06 1.62
C LYS A 237 10.41 -5.47 1.25
N THR A 238 9.86 -6.48 1.94
CA THR A 238 10.14 -7.91 1.60
C THR A 238 9.65 -8.26 0.22
N MET A 239 8.47 -7.76 -0.15
CA MET A 239 7.95 -8.00 -1.52
C MET A 239 8.87 -7.43 -2.59
N GLN A 240 9.40 -6.23 -2.38
CA GLN A 240 10.37 -5.68 -3.35
C GLN A 240 11.72 -6.42 -3.35
N ARG A 241 12.21 -6.81 -2.19
CA ARG A 241 13.42 -7.67 -2.11
C ARG A 241 13.26 -8.91 -2.99
N ASN A 242 12.21 -9.69 -2.73
CA ASN A 242 11.98 -10.95 -3.48
C ASN A 242 11.74 -10.67 -4.94
N TRP A 243 11.11 -9.54 -5.23
CA TRP A 243 10.89 -9.23 -6.61
C TRP A 243 12.21 -8.92 -7.32
N ILE A 244 13.10 -8.19 -6.66
CA ILE A 244 14.37 -7.88 -7.26
C ILE A 244 15.21 -9.19 -7.33
N GLY A 245 15.18 -9.93 -6.24
CA GLY A 245 15.61 -11.35 -6.23
C GLY A 245 17.07 -11.53 -6.57
N ARG A 246 17.94 -10.69 -5.98
CA ARG A 246 19.38 -10.85 -6.11
C ARG A 246 19.75 -12.21 -5.55
N SER A 247 20.49 -13.01 -6.32
CA SER A 247 20.85 -14.32 -5.88
C SER A 247 22.35 -14.57 -6.04
N GLU A 248 22.95 -15.14 -4.99
CA GLU A 248 24.37 -15.54 -5.04
C GLU A 248 24.50 -17.04 -5.23
N GLY A 249 25.12 -17.42 -6.33
CA GLY A 249 25.19 -18.82 -6.74
C GLY A 249 26.48 -19.19 -7.47
N VAL A 250 26.41 -20.23 -8.29
CA VAL A 250 27.58 -20.79 -8.96
C VAL A 250 27.17 -21.28 -10.33
N GLU A 251 27.88 -20.86 -11.37
CA GLU A 251 27.75 -21.51 -12.66
C GLU A 251 28.67 -22.73 -12.76
N ILE A 252 28.14 -23.81 -13.33
CA ILE A 252 28.88 -25.05 -13.44
C ILE A 252 28.75 -25.60 -14.85
N THR A 253 29.90 -25.96 -15.42
CA THR A 253 29.99 -26.28 -16.84
C THR A 253 30.32 -27.75 -16.95
N PHE A 254 29.64 -28.41 -17.88
CA PHE A 254 29.78 -29.82 -18.10
C PHE A 254 30.29 -30.05 -19.54
N ASN A 255 31.09 -31.10 -19.73
CA ASN A 255 31.31 -31.67 -21.05
C ASN A 255 30.16 -32.61 -21.40
N VAL A 256 29.79 -32.58 -22.66
CA VAL A 256 28.66 -33.37 -23.17
C VAL A 256 29.14 -34.24 -24.35
N ASN A 257 28.91 -35.56 -24.23
CA ASN A 257 29.24 -36.54 -25.26
C ASN A 257 28.52 -36.28 -26.58
N ASP A 258 29.27 -36.36 -27.68
CA ASP A 258 28.70 -36.22 -29.02
C ASP A 258 28.08 -34.85 -29.16
N TYR A 259 28.68 -33.88 -28.47
CA TYR A 259 28.17 -32.52 -28.46
C TYR A 259 29.33 -31.51 -28.44
N ASP A 260 29.34 -30.62 -29.43
CA ASP A 260 30.46 -29.74 -29.69
C ASP A 260 30.38 -28.41 -28.96
N ASN A 261 29.50 -28.36 -27.97
CA ASN A 261 29.63 -27.38 -26.93
C ASN A 261 29.80 -28.03 -25.55
N THR A 262 29.96 -27.17 -24.56
CA THR A 262 29.79 -27.52 -23.17
C THR A 262 28.40 -27.02 -22.75
N LEU A 263 27.90 -27.51 -21.62
CA LEU A 263 26.63 -27.03 -21.10
C LEU A 263 26.90 -26.41 -19.74
N THR A 264 26.38 -25.22 -19.51
CA THR A 264 26.52 -24.64 -18.18
C THR A 264 25.19 -24.35 -17.51
N VAL A 265 25.12 -24.68 -16.21
CA VAL A 265 23.91 -24.46 -15.42
C VAL A 265 24.19 -23.38 -14.39
N TYR A 266 23.16 -22.92 -13.70
CA TYR A 266 23.35 -22.05 -12.54
C TYR A 266 22.70 -22.68 -11.31
N THR A 267 23.39 -22.67 -10.17
CA THR A 267 22.78 -23.14 -8.92
C THR A 267 23.06 -22.21 -7.73
N THR A 268 22.09 -22.10 -6.83
CA THR A 268 22.29 -21.48 -5.55
C THR A 268 22.62 -22.46 -4.47
N ARG A 269 22.63 -23.75 -4.80
CA ARG A 269 22.97 -24.75 -3.82
C ARG A 269 24.08 -25.64 -4.38
N PRO A 270 25.29 -25.07 -4.57
CA PRO A 270 26.43 -25.88 -4.98
C PRO A 270 26.80 -26.93 -3.93
N ASP A 271 26.46 -26.66 -2.68
CA ASP A 271 26.72 -27.59 -1.60
C ASP A 271 26.05 -28.97 -1.85
N THR A 272 25.03 -28.99 -2.71
CA THR A 272 24.30 -30.24 -2.94
C THR A 272 24.79 -30.99 -4.19
N PHE A 273 25.90 -30.53 -4.76
CA PHE A 273 26.32 -30.94 -6.12
C PHE A 273 26.70 -32.43 -6.22
N MET A 274 27.24 -33.01 -5.15
CA MET A 274 27.49 -34.42 -5.16
C MET A 274 26.19 -35.24 -5.25
N GLY A 275 25.04 -34.58 -5.07
CA GLY A 275 23.74 -35.25 -5.18
C GLY A 275 23.11 -35.11 -6.56
N CYS A 276 23.85 -34.54 -7.53
CA CYS A 276 23.31 -34.27 -8.86
C CYS A 276 23.31 -35.53 -9.75
N THR A 277 22.13 -35.88 -10.27
CA THR A 277 21.95 -37.16 -10.99
C THR A 277 21.51 -36.98 -12.46
N TYR A 278 21.24 -35.73 -12.85
CA TYR A 278 20.94 -35.40 -14.26
C TYR A 278 20.87 -33.88 -14.39
N LEU A 279 20.82 -33.41 -15.62
CA LEU A 279 20.66 -31.96 -15.87
C LEU A 279 19.35 -31.71 -16.60
N ALA A 280 18.87 -30.49 -16.47
CA ALA A 280 17.59 -30.11 -17.05
C ALA A 280 17.82 -28.80 -17.75
N VAL A 281 17.47 -28.77 -19.04
CA VAL A 281 17.58 -27.56 -19.82
C VAL A 281 16.21 -27.08 -20.35
N ALA A 282 16.10 -25.77 -20.52
CA ALA A 282 14.89 -25.16 -21.06
C ALA A 282 14.59 -25.68 -22.44
N ALA A 283 13.30 -25.74 -22.76
CA ALA A 283 12.82 -26.10 -24.09
C ALA A 283 13.60 -25.38 -25.20
N GLY A 284 13.87 -24.10 -25.00
CA GLY A 284 14.45 -23.29 -26.07
C GLY A 284 15.95 -23.17 -25.99
N HIS A 285 16.61 -24.20 -25.46
CA HIS A 285 18.05 -24.16 -25.22
C HIS A 285 18.76 -24.76 -26.42
N PRO A 286 19.92 -24.21 -26.80
CA PRO A 286 20.62 -24.71 -28.00
C PRO A 286 20.89 -26.22 -28.04
N LEU A 287 21.20 -26.83 -26.88
CA LEU A 287 21.36 -28.29 -26.78
C LEU A 287 20.03 -29.03 -27.07
N ALA A 288 18.95 -28.55 -26.46
CA ALA A 288 17.62 -29.09 -26.69
C ALA A 288 17.24 -29.03 -28.18
N GLN A 289 17.58 -27.92 -28.85
CA GLN A 289 17.34 -27.80 -30.29
C GLN A 289 18.22 -28.74 -31.11
N LYS A 290 19.49 -28.87 -30.72
CA LYS A 290 20.42 -29.76 -31.42
C LYS A 290 19.99 -31.24 -31.39
N ALA A 291 19.41 -31.67 -30.27
CA ALA A 291 18.88 -33.04 -30.15
C ALA A 291 17.55 -33.23 -30.91
N ALA A 292 16.68 -32.21 -30.86
CA ALA A 292 15.38 -32.26 -31.56
C ALA A 292 15.53 -32.54 -33.06
N GLU A 293 16.62 -32.05 -33.64
CA GLU A 293 16.96 -32.29 -35.06
C GLU A 293 16.85 -33.76 -35.45
N ASN A 294 17.01 -34.66 -34.48
CA ASN A 294 17.06 -36.08 -34.76
C ASN A 294 16.11 -36.88 -33.88
N ASN A 295 15.13 -36.19 -33.33
CA ASN A 295 14.27 -36.74 -32.27
C ASN A 295 12.89 -36.10 -32.33
N PRO A 296 11.92 -36.77 -32.99
CA PRO A 296 10.59 -36.19 -33.18
C PRO A 296 9.85 -35.93 -31.87
N GLU A 297 10.00 -36.85 -30.92
CA GLU A 297 9.44 -36.68 -29.57
C GLU A 297 9.87 -35.35 -28.95
N LEU A 298 11.18 -35.15 -28.85
CA LEU A 298 11.76 -33.90 -28.32
C LEU A 298 11.24 -32.68 -29.07
N ALA A 299 11.27 -32.75 -30.41
CA ALA A 299 10.80 -31.66 -31.27
C ALA A 299 9.34 -31.33 -30.99
N ALA A 300 8.51 -32.38 -30.89
CA ALA A 300 7.13 -32.23 -30.49
C ALA A 300 7.01 -31.49 -29.16
N PHE A 301 7.82 -31.90 -28.18
CA PHE A 301 7.85 -31.30 -26.84
C PHE A 301 8.21 -29.80 -26.86
N ILE A 302 9.26 -29.45 -27.60
CA ILE A 302 9.67 -28.05 -27.75
C ILE A 302 8.53 -27.18 -28.29
N ASP A 303 7.85 -27.66 -29.34
CA ASP A 303 6.69 -26.97 -29.91
C ASP A 303 5.57 -26.75 -28.90
N GLU A 304 5.23 -27.78 -28.13
CA GLU A 304 4.27 -27.64 -27.03
C GLU A 304 4.59 -26.46 -26.10
N CYS A 305 5.85 -26.36 -25.70
CA CYS A 305 6.26 -25.46 -24.60
C CYS A 305 6.13 -23.97 -24.90
N ARG A 306 5.66 -23.61 -26.09
CA ARG A 306 5.22 -22.23 -26.37
C ARG A 306 3.75 -21.97 -25.96
N ASN A 307 2.85 -22.91 -26.26
CA ASN A 307 1.40 -22.69 -26.13
C ASN A 307 0.86 -22.63 -24.68
N THR A 308 -0.44 -22.88 -24.53
CA THR A 308 -1.19 -22.55 -23.31
C THR A 308 -0.43 -22.83 -22.02
N GLU A 319 3.05 -29.32 -12.41
CA GLU A 319 2.87 -29.61 -13.84
C GLU A 319 4.16 -30.15 -14.48
N LYS A 320 5.02 -30.70 -13.64
CA LYS A 320 6.33 -31.23 -14.06
C LYS A 320 6.31 -32.10 -15.32
N LYS A 321 6.89 -31.58 -16.40
CA LYS A 321 6.94 -32.31 -17.68
C LYS A 321 8.28 -32.13 -18.40
N GLY A 322 8.80 -33.21 -18.99
CA GLY A 322 10.03 -33.11 -19.79
C GLY A 322 10.32 -34.27 -20.71
N VAL A 323 11.44 -34.18 -21.41
CA VAL A 323 11.83 -35.18 -22.41
C VAL A 323 13.34 -35.47 -22.36
N ASP A 324 13.71 -36.73 -22.55
CA ASP A 324 15.10 -37.14 -22.48
C ASP A 324 15.79 -36.71 -23.75
N THR A 325 16.79 -35.89 -23.59
CA THR A 325 17.50 -35.29 -24.69
C THR A 325 18.29 -36.36 -25.45
N GLY A 326 18.66 -37.44 -24.75
CA GLY A 326 19.55 -38.43 -25.31
C GLY A 326 21.02 -38.10 -25.06
N PHE A 327 21.32 -36.82 -24.82
CA PHE A 327 22.69 -36.42 -24.48
C PHE A 327 23.09 -36.82 -23.05
N LYS A 328 24.38 -37.10 -22.88
CA LYS A 328 24.94 -37.39 -21.56
C LYS A 328 26.02 -36.38 -21.20
N ALA A 329 25.91 -35.82 -20.01
CA ALA A 329 26.95 -34.99 -19.47
C ALA A 329 27.83 -35.80 -18.52
N VAL A 330 29.11 -35.43 -18.44
CA VAL A 330 30.01 -35.97 -17.40
C VAL A 330 29.97 -35.05 -16.16
N HIS A 331 29.52 -35.60 -15.03
CA HIS A 331 29.66 -34.91 -13.76
C HIS A 331 31.14 -34.67 -13.50
N PRO A 332 31.58 -33.40 -13.41
CA PRO A 332 33.01 -33.09 -13.29
C PRO A 332 33.69 -33.61 -12.01
N LEU A 333 32.92 -33.96 -10.98
CA LEU A 333 33.52 -34.39 -9.71
C LEU A 333 33.41 -35.90 -9.41
N THR A 334 32.42 -36.57 -10.01
CA THR A 334 32.30 -38.03 -9.86
C THR A 334 32.81 -38.79 -11.08
N GLY A 335 32.91 -38.13 -12.22
CA GLY A 335 33.18 -38.80 -13.48
C GLY A 335 31.97 -39.52 -14.07
N GLU A 336 30.88 -39.61 -13.31
CA GLU A 336 29.70 -40.35 -13.79
C GLU A 336 29.00 -39.62 -14.95
N GLU A 337 28.58 -40.39 -15.95
CA GLU A 337 27.72 -39.88 -17.00
C GLU A 337 26.31 -39.68 -16.49
N ILE A 338 25.71 -38.51 -16.75
CA ILE A 338 24.32 -38.28 -16.34
C ILE A 338 23.49 -37.79 -17.50
N PRO A 339 22.18 -38.10 -17.45
CA PRO A 339 21.28 -37.74 -18.53
C PRO A 339 21.02 -36.23 -18.59
N VAL A 340 20.67 -35.73 -19.77
CA VAL A 340 20.26 -34.35 -19.91
C VAL A 340 18.81 -34.30 -20.39
N TRP A 341 17.95 -33.66 -19.61
CA TRP A 341 16.57 -33.57 -20.02
C TRP A 341 16.23 -32.17 -20.47
N ALA A 342 15.30 -32.05 -21.41
CA ALA A 342 14.56 -30.81 -21.56
C ALA A 342 13.35 -30.87 -20.64
N ALA A 343 13.08 -29.76 -19.96
CA ALA A 343 12.11 -29.72 -18.87
C ALA A 343 11.30 -28.43 -18.90
N ASN A 344 10.03 -28.52 -18.52
CA ASN A 344 9.11 -27.38 -18.68
C ASN A 344 9.30 -26.30 -17.61
N PHE A 345 9.85 -26.69 -16.47
CA PHE A 345 9.95 -25.77 -15.35
C PHE A 345 11.19 -24.86 -15.43
N VAL A 346 11.98 -24.99 -16.51
CA VAL A 346 13.24 -24.24 -16.64
C VAL A 346 13.11 -23.06 -17.61
N LEU A 347 13.27 -21.85 -17.05
CA LEU A 347 13.18 -20.61 -17.81
C LEU A 347 14.42 -20.38 -18.67
N MET A 348 14.24 -20.32 -19.99
CA MET A 348 15.36 -20.01 -20.86
C MET A 348 15.97 -18.64 -20.51
N GLU A 349 15.15 -17.75 -19.97
CA GLU A 349 15.52 -16.36 -19.84
C GLU A 349 16.30 -16.06 -18.55
N TYR A 350 16.23 -16.97 -17.58
CA TYR A 350 16.93 -16.77 -16.32
C TYR A 350 18.22 -17.58 -16.29
N GLY A 351 19.27 -16.97 -15.72
CA GLY A 351 20.54 -17.65 -15.56
C GLY A 351 21.02 -18.09 -16.93
N THR A 352 21.29 -19.38 -17.08
CA THR A 352 21.78 -19.90 -18.35
C THR A 352 20.67 -20.69 -19.06
N GLY A 353 19.46 -20.60 -18.54
CA GLY A 353 18.37 -21.51 -18.95
C GLY A 353 18.67 -23.02 -18.80
N ALA A 354 19.45 -23.37 -17.78
CA ALA A 354 19.74 -24.78 -17.48
C ALA A 354 20.08 -24.96 -15.99
N VAL A 355 19.69 -26.11 -15.43
CA VAL A 355 19.95 -26.44 -14.03
C VAL A 355 20.66 -27.78 -13.93
N MET A 356 21.45 -27.95 -12.87
CA MET A 356 21.78 -29.27 -12.39
C MET A 356 20.67 -29.64 -11.43
N ALA A 357 20.21 -30.90 -11.52
CA ALA A 357 19.08 -31.38 -10.74
C ALA A 357 19.56 -32.19 -9.57
N VAL A 358 18.95 -31.97 -8.40
CA VAL A 358 19.29 -32.76 -7.18
C VAL A 358 18.01 -33.17 -6.46
N PRO A 359 17.43 -34.30 -6.90
CA PRO A 359 16.10 -34.74 -6.48
C PRO A 359 15.99 -34.84 -4.96
N GLY A 360 17.06 -35.29 -4.32
CA GLY A 360 17.03 -35.46 -2.87
C GLY A 360 16.83 -34.17 -2.09
N HIS A 361 17.03 -33.02 -2.74
CA HIS A 361 17.07 -31.78 -1.99
C HIS A 361 16.44 -30.59 -2.66
N ASP A 362 15.79 -30.81 -3.79
CA ASP A 362 15.04 -29.75 -4.48
C ASP A 362 13.69 -30.35 -4.79
N GLN A 363 12.63 -29.74 -4.29
CA GLN A 363 11.32 -30.37 -4.36
C GLN A 363 10.84 -30.60 -5.81
N ARG A 364 11.16 -29.68 -6.70
CA ARG A 364 10.76 -29.86 -8.10
C ARG A 364 11.62 -30.92 -8.85
N ASP A 365 12.92 -30.95 -8.56
CA ASP A 365 13.75 -32.07 -8.96
C ASP A 365 13.20 -33.39 -8.42
N TYR A 366 12.74 -33.40 -7.17
CA TYR A 366 12.18 -34.61 -6.57
C TYR A 366 10.98 -35.15 -7.40
N GLU A 367 10.10 -34.23 -7.81
CA GLU A 367 8.88 -34.63 -8.49
C GLU A 367 9.22 -35.08 -9.92
N PHE A 368 10.05 -34.29 -10.58
CA PHE A 368 10.52 -34.66 -11.91
C PHE A 368 11.22 -36.04 -11.89
N ALA A 369 12.12 -36.24 -10.93
CA ALA A 369 12.88 -37.49 -10.84
C ALA A 369 11.98 -38.70 -10.63
N SER A 370 11.01 -38.57 -9.71
CA SER A 370 10.01 -39.63 -9.46
C SER A 370 9.24 -39.97 -10.72
N LYS A 371 8.72 -38.94 -11.39
CA LYS A 371 7.91 -39.13 -12.57
C LYS A 371 8.68 -39.92 -13.63
N TYR A 372 9.96 -39.58 -13.85
CA TYR A 372 10.69 -40.16 -14.98
C TYR A 372 11.68 -41.25 -14.58
N GLY A 373 11.59 -41.71 -13.33
CA GLY A 373 12.40 -42.81 -12.84
C GLY A 373 13.88 -42.47 -12.77
N LEU A 374 14.20 -41.20 -12.52
CA LEU A 374 15.59 -40.76 -12.34
C LEU A 374 16.11 -40.93 -10.90
N ASN A 375 17.41 -41.18 -10.78
CA ASN A 375 18.06 -41.46 -9.49
C ASN A 375 17.84 -40.33 -8.50
N ILE A 376 17.55 -40.71 -7.26
CA ILE A 376 17.40 -39.78 -6.15
C ILE A 376 18.48 -40.08 -5.13
N LYS A 377 19.37 -39.13 -4.92
CA LYS A 377 20.57 -39.38 -4.11
C LYS A 377 20.66 -38.40 -2.89
N PRO A 378 20.74 -38.94 -1.68
CA PRO A 378 20.76 -38.02 -0.56
C PRO A 378 22.19 -37.57 -0.25
N VAL A 379 22.37 -36.28 0.03
CA VAL A 379 23.69 -35.80 0.38
C VAL A 379 23.66 -34.77 1.52
N ILE A 380 22.45 -34.39 1.96
CA ILE A 380 22.35 -33.51 3.15
C ILE A 380 21.75 -34.23 4.34
N LEU A 381 22.46 -34.19 5.47
CA LEU A 381 21.96 -34.69 6.77
C LEU A 381 20.81 -33.86 7.25
N ALA A 382 19.83 -34.48 7.92
CA ALA A 382 18.77 -33.72 8.62
C ALA A 382 19.32 -32.81 9.75
N ALA A 383 18.55 -31.76 10.06
CA ALA A 383 18.84 -30.87 11.20
C ALA A 383 19.39 -31.59 12.43
N ASP A 384 18.81 -32.73 12.79
CA ASP A 384 19.30 -33.53 13.94
C ASP A 384 20.52 -34.47 13.67
N GLY A 385 21.11 -34.39 12.47
CA GLY A 385 22.29 -35.19 12.17
C GLY A 385 21.98 -36.56 11.60
N SER A 386 20.70 -36.86 11.43
CA SER A 386 20.34 -38.16 10.87
C SER A 386 20.20 -38.08 9.34
N GLU A 387 20.53 -39.18 8.66
CA GLU A 387 20.32 -39.31 7.24
C GLU A 387 18.83 -39.22 6.90
N PRO A 388 18.47 -38.39 5.92
CA PRO A 388 17.11 -37.94 5.68
C PRO A 388 16.20 -39.03 5.18
N ASP A 389 14.94 -39.00 5.63
CA ASP A 389 13.88 -39.77 5.04
C ASP A 389 13.41 -39.07 3.75
N LEU A 390 13.69 -39.67 2.61
CA LEU A 390 13.38 -39.08 1.34
C LEU A 390 12.25 -39.86 0.69
N SER A 391 11.66 -40.78 1.44
CA SER A 391 10.59 -41.62 0.93
C SER A 391 9.44 -40.80 0.31
N GLN A 392 9.14 -39.63 0.89
CA GLN A 392 7.94 -38.84 0.52
C GLN A 392 8.32 -37.65 -0.36
N GLN A 393 9.33 -36.91 0.10
CA GLN A 393 9.73 -35.64 -0.52
C GLN A 393 11.23 -35.31 -0.31
N ALA A 394 11.66 -34.18 -0.84
CA ALA A 394 13.05 -33.76 -0.71
C ALA A 394 13.33 -33.18 0.71
N LEU A 395 14.57 -33.32 1.17
CA LEU A 395 15.03 -32.54 2.31
C LEU A 395 15.55 -31.19 1.85
N THR A 396 14.79 -30.14 2.15
CA THR A 396 15.04 -28.79 1.63
C THR A 396 16.08 -28.00 2.43
N GLU A 397 16.10 -28.18 3.74
CA GLU A 397 16.92 -27.31 4.59
C GLU A 397 18.40 -27.56 4.41
N LYS A 398 19.21 -26.55 4.70
CA LYS A 398 20.65 -26.61 4.54
C LYS A 398 21.27 -27.25 5.77
N GLY A 399 22.06 -28.30 5.56
CA GLY A 399 22.71 -29.03 6.65
C GLY A 399 24.13 -29.53 6.32
N VAL A 400 24.59 -30.49 7.11
CA VAL A 400 25.93 -31.02 6.93
C VAL A 400 25.94 -32.07 5.80
N LEU A 401 26.98 -32.08 4.97
CA LEU A 401 27.02 -33.01 3.86
C LEU A 401 27.40 -34.41 4.34
N PHE A 402 26.82 -35.41 3.69
CA PHE A 402 27.36 -36.75 3.73
C PHE A 402 27.29 -37.31 2.32
N ASN A 403 27.99 -38.41 2.07
CA ASN A 403 27.84 -39.11 0.81
C ASN A 403 28.33 -38.22 -0.36
N SER A 404 29.38 -37.45 -0.09
CA SER A 404 29.87 -36.38 -0.98
C SER A 404 31.39 -36.36 -1.01
N GLY A 405 31.99 -37.54 -0.91
CA GLY A 405 33.46 -37.68 -0.89
C GLY A 405 34.19 -36.71 0.03
N GLU A 406 35.15 -35.99 -0.56
CA GLU A 406 36.03 -35.05 0.14
C GLU A 406 35.26 -34.00 0.92
N PHE A 407 34.01 -33.74 0.54
CA PHE A 407 33.22 -32.69 1.16
C PHE A 407 32.32 -33.15 2.30
N ASN A 408 32.37 -34.45 2.63
CA ASN A 408 31.59 -35.01 3.77
C ASN A 408 31.89 -34.26 5.05
N GLY A 409 30.83 -33.97 5.81
CA GLY A 409 30.97 -33.42 7.17
C GLY A 409 31.05 -31.90 7.20
N LEU A 410 31.20 -31.29 6.03
CA LEU A 410 31.19 -29.83 5.94
C LEU A 410 29.79 -29.28 6.14
N ASP A 411 29.68 -28.20 6.90
CA ASP A 411 28.40 -27.53 7.07
C ASP A 411 28.07 -26.69 5.84
N HIS A 412 26.91 -26.00 5.86
CA HIS A 412 26.37 -25.45 4.63
C HIS A 412 27.30 -24.46 3.92
N GLU A 413 27.77 -23.45 4.64
CA GLU A 413 28.61 -22.42 4.05
C GLU A 413 29.95 -22.95 3.64
N ALA A 414 30.54 -23.77 4.50
CA ALA A 414 31.86 -24.32 4.24
C ALA A 414 31.80 -25.12 2.93
N ALA A 415 30.69 -25.83 2.74
CA ALA A 415 30.52 -26.72 1.62
C ALA A 415 30.27 -25.97 0.33
N PHE A 416 29.33 -25.02 0.37
CA PHE A 416 29.16 -24.03 -0.68
C PHE A 416 30.55 -23.57 -1.13
N ASN A 417 31.34 -23.06 -0.19
CA ASN A 417 32.64 -22.52 -0.55
C ASN A 417 33.71 -23.50 -1.03
N ALA A 418 33.72 -24.70 -0.47
CA ALA A 418 34.72 -25.67 -0.91
C ALA A 418 34.41 -26.11 -2.35
N ILE A 419 33.13 -26.30 -2.65
CA ILE A 419 32.76 -26.87 -3.94
C ILE A 419 32.89 -25.82 -5.04
N ALA A 420 32.47 -24.59 -4.73
CA ALA A 420 32.76 -23.45 -5.62
C ALA A 420 34.28 -23.36 -5.90
N ASP A 421 35.09 -23.33 -4.85
CA ASP A 421 36.55 -23.24 -4.97
C ASP A 421 37.12 -24.34 -5.83
N LYS A 422 36.73 -25.57 -5.54
CA LYS A 422 37.15 -26.71 -6.36
C LYS A 422 36.84 -26.49 -7.85
N LEU A 423 35.59 -26.21 -8.19
CA LEU A 423 35.18 -26.11 -9.60
C LEU A 423 35.81 -24.91 -10.29
N THR A 424 35.96 -23.82 -9.55
CA THR A 424 36.75 -22.71 -10.02
C THR A 424 38.18 -23.17 -10.38
N ALA A 425 38.84 -23.87 -9.45
CA ALA A 425 40.24 -24.26 -9.70
C ALA A 425 40.32 -25.29 -10.80
N MET A 426 39.23 -26.02 -11.04
CA MET A 426 39.18 -26.94 -12.19
C MET A 426 38.81 -26.24 -13.50
N GLY A 427 38.35 -25.00 -13.41
CA GLY A 427 37.94 -24.24 -14.59
C GLY A 427 36.68 -24.83 -15.23
N VAL A 428 35.76 -25.32 -14.40
CA VAL A 428 34.42 -25.72 -14.87
C VAL A 428 33.29 -25.08 -14.02
N GLY A 429 33.62 -23.99 -13.34
CA GLY A 429 32.65 -23.35 -12.45
C GLY A 429 33.16 -22.02 -11.95
N GLU A 430 32.24 -21.11 -11.68
CA GLU A 430 32.56 -19.88 -10.94
C GLU A 430 31.33 -19.32 -10.20
N ARG A 431 31.59 -18.58 -9.14
CA ARG A 431 30.58 -17.75 -8.52
C ARG A 431 29.94 -16.77 -9.53
N LYS A 432 28.68 -16.47 -9.28
CA LYS A 432 27.84 -15.74 -10.23
C LYS A 432 26.69 -15.18 -9.41
N VAL A 433 26.39 -13.90 -9.64
CA VAL A 433 25.26 -13.23 -9.01
C VAL A 433 24.21 -12.98 -10.12
N ASN A 434 22.98 -13.43 -9.90
CA ASN A 434 21.92 -13.20 -10.86
C ASN A 434 20.83 -12.38 -10.21
N TYR A 435 19.96 -11.83 -11.04
CA TYR A 435 18.79 -11.11 -10.58
C TYR A 435 17.52 -11.60 -11.22
N ARG A 436 16.46 -11.66 -10.45
CA ARG A 436 15.15 -12.01 -10.98
C ARG A 436 14.55 -10.84 -11.74
N LEU A 437 14.82 -9.64 -11.23
CA LEU A 437 14.43 -8.39 -11.89
C LEU A 437 14.80 -8.42 -13.35
N ARG A 438 13.80 -8.20 -14.19
CA ARG A 438 13.98 -7.97 -15.63
C ARG A 438 13.88 -6.47 -15.94
N ASP A 439 14.43 -6.06 -17.07
CA ASP A 439 14.21 -4.71 -17.55
C ASP A 439 12.73 -4.35 -17.78
N TRP A 440 12.43 -3.07 -17.74
CA TRP A 440 11.04 -2.62 -17.61
C TRP A 440 10.46 -2.40 -18.99
N GLY A 441 9.47 -3.22 -19.39
CA GLY A 441 8.91 -3.09 -20.74
C GLY A 441 7.81 -2.03 -20.80
N VAL A 442 8.05 -0.90 -21.50
CA VAL A 442 7.18 0.28 -21.35
C VAL A 442 6.22 0.48 -22.56
N SER A 443 6.34 -0.43 -23.53
CA SER A 443 5.62 -0.42 -24.81
C SER A 443 4.31 -1.19 -24.72
N ARG A 444 3.29 -0.68 -25.39
CA ARG A 444 2.00 -1.38 -25.55
C ARG A 444 1.50 -1.14 -26.97
N GLN A 445 0.82 -2.13 -27.51
CA GLN A 445 0.20 -1.96 -28.81
C GLN A 445 -1.21 -1.46 -28.64
N ARG A 446 -1.33 -0.30 -28.00
CA ARG A 446 -2.63 0.18 -27.55
C ARG A 446 -2.83 1.64 -28.00
N TYR A 447 -4.06 2.06 -28.20
CA TYR A 447 -4.32 3.44 -28.58
C TYR A 447 -4.19 4.43 -27.38
N TRP A 448 -4.92 4.17 -26.31
CA TRP A 448 -5.18 5.23 -25.33
C TRP A 448 -4.02 5.35 -24.31
N GLY A 449 -2.92 5.96 -24.76
CA GLY A 449 -1.72 6.15 -23.96
C GLY A 449 -0.83 7.16 -24.65
N ALA A 450 0.18 7.64 -23.95
CA ALA A 450 1.04 8.71 -24.52
C ALA A 450 1.95 8.12 -25.58
N PRO A 451 2.00 8.72 -26.78
CA PRO A 451 2.91 8.21 -27.80
C PRO A 451 4.37 8.12 -27.34
N ILE A 452 5.06 7.13 -27.86
CA ILE A 452 6.46 6.91 -27.62
C ILE A 452 7.29 7.78 -28.58
N PRO A 453 8.15 8.66 -28.03
CA PRO A 453 8.75 9.64 -28.92
C PRO A 453 10.00 9.07 -29.65
N MET A 454 9.82 8.05 -30.48
CA MET A 454 10.92 7.59 -31.31
C MET A 454 10.51 7.54 -32.81
N VAL A 455 11.49 7.69 -33.71
CA VAL A 455 11.25 7.56 -35.14
C VAL A 455 12.23 6.62 -35.84
N THR A 456 11.78 6.00 -36.94
CA THR A 456 12.67 5.22 -37.79
C THR A 456 12.94 5.94 -39.12
N LEU A 457 14.20 6.21 -39.42
CA LEU A 457 14.55 6.79 -40.74
C LEU A 457 14.41 5.74 -41.85
N GLU A 458 14.38 6.20 -43.11
CA GLU A 458 14.31 5.25 -44.23
C GLU A 458 15.49 4.29 -44.27
N ASP A 459 16.68 4.77 -43.89
CA ASP A 459 17.87 3.92 -43.84
C ASP A 459 17.82 2.87 -42.73
N GLY A 460 16.76 2.89 -41.95
CA GLY A 460 16.58 1.89 -40.89
C GLY A 460 16.91 2.37 -39.48
N THR A 461 17.62 3.50 -39.37
CA THR A 461 18.14 3.92 -38.07
C THR A 461 17.10 4.56 -37.16
N VAL A 462 17.07 4.04 -35.95
CA VAL A 462 16.14 4.45 -34.93
C VAL A 462 16.79 5.57 -34.14
N MET A 463 16.02 6.62 -33.86
CA MET A 463 16.49 7.72 -33.02
C MET A 463 15.30 8.41 -32.40
N PRO A 464 15.55 9.28 -31.41
CA PRO A 464 14.46 9.97 -30.74
C PRO A 464 13.84 11.05 -31.60
N THR A 465 12.56 11.30 -31.36
CA THR A 465 11.85 12.41 -31.99
C THR A 465 12.57 13.69 -31.65
N PRO A 466 12.87 14.52 -32.66
CA PRO A 466 13.62 15.75 -32.47
C PRO A 466 12.91 16.66 -31.50
N ASP A 467 13.67 17.46 -30.77
CA ASP A 467 13.11 18.27 -29.70
C ASP A 467 11.94 19.15 -30.17
N ASP A 468 11.99 19.58 -31.42
CA ASP A 468 10.99 20.52 -31.93
C ASP A 468 9.70 19.83 -32.40
N GLN A 469 9.65 18.51 -32.34
CA GLN A 469 8.39 17.82 -32.61
C GLN A 469 7.72 17.29 -31.32
N LEU A 470 8.23 17.70 -30.16
CA LEU A 470 7.62 17.28 -28.87
C LEU A 470 6.69 18.35 -28.33
N PRO A 471 5.54 17.96 -27.76
CA PRO A 471 5.11 16.55 -27.63
C PRO A 471 4.71 15.91 -28.96
N VAL A 472 4.76 14.58 -29.01
CA VAL A 472 4.01 13.86 -30.00
C VAL A 472 2.56 13.68 -29.49
N ILE A 473 1.62 14.38 -30.10
CA ILE A 473 0.26 14.45 -29.61
C ILE A 473 -0.55 13.22 -30.04
N LEU A 474 -1.15 12.55 -29.07
CA LEU A 474 -2.20 11.59 -29.38
C LEU A 474 -3.50 12.30 -29.84
N PRO A 475 -3.93 12.03 -31.09
CA PRO A 475 -5.22 12.61 -31.56
C PRO A 475 -6.37 12.05 -30.73
N GLU A 476 -7.16 12.93 -30.12
CA GLU A 476 -8.27 12.47 -29.29
C GLU A 476 -9.52 12.17 -30.09
N ASP A 477 -9.70 12.87 -31.22
CA ASP A 477 -10.92 12.74 -32.03
C ASP A 477 -10.76 11.55 -32.98
N VAL A 478 -11.14 10.36 -32.53
CA VAL A 478 -10.93 9.14 -33.30
C VAL A 478 -12.17 8.28 -33.25
N VAL A 479 -12.21 7.24 -34.07
CA VAL A 479 -13.22 6.22 -34.00
C VAL A 479 -12.55 4.83 -33.82
N MET A 480 -12.84 4.16 -32.70
CA MET A 480 -12.28 2.84 -32.41
C MET A 480 -13.00 1.72 -33.17
N ASP A 481 -12.25 0.93 -33.93
CA ASP A 481 -12.79 -0.24 -34.62
C ASP A 481 -12.54 -1.48 -33.78
N GLY A 482 -12.29 -1.28 -32.50
CA GLY A 482 -12.22 -2.39 -31.55
C GLY A 482 -10.93 -3.18 -31.52
N ILE A 483 -10.25 -3.29 -32.67
CA ILE A 483 -9.14 -4.25 -32.77
C ILE A 483 -7.76 -3.62 -33.09
N THR A 484 -7.75 -2.50 -33.81
CA THR A 484 -6.50 -1.84 -34.18
C THR A 484 -6.50 -0.40 -33.65
N SER A 485 -5.37 0.04 -33.11
CA SER A 485 -5.26 1.43 -32.69
C SER A 485 -5.45 2.39 -33.88
N PRO A 486 -6.29 3.42 -33.69
CA PRO A 486 -6.50 4.34 -34.80
C PRO A 486 -5.19 4.90 -35.37
N ILE A 487 -4.17 5.08 -34.54
CA ILE A 487 -2.91 5.64 -35.03
C ILE A 487 -2.04 4.59 -35.69
N LYS A 488 -2.45 3.34 -35.59
CA LYS A 488 -1.90 2.26 -36.42
C LYS A 488 -2.68 2.09 -37.74
N ALA A 489 -4.01 2.04 -37.64
CA ALA A 489 -4.87 1.65 -38.77
C ALA A 489 -4.90 2.71 -39.87
N ASP A 490 -4.56 3.94 -39.51
CA ASP A 490 -4.39 4.99 -40.49
C ASP A 490 -2.90 5.13 -40.77
N PRO A 491 -2.44 4.57 -41.91
CA PRO A 491 -1.01 4.51 -42.20
C PRO A 491 -0.39 5.91 -42.44
N GLU A 492 -1.23 6.92 -42.64
CA GLU A 492 -0.76 8.33 -42.68
C GLU A 492 -0.16 8.84 -41.36
N TRP A 493 -0.67 8.37 -40.23
CA TRP A 493 -0.36 9.05 -38.97
C TRP A 493 1.13 8.97 -38.70
N ALA A 494 1.69 7.78 -38.92
CA ALA A 494 3.09 7.49 -38.64
C ALA A 494 4.07 8.32 -39.47
N LYS A 495 3.63 8.79 -40.64
CA LYS A 495 4.52 9.49 -41.57
C LYS A 495 4.92 10.86 -41.05
N THR A 496 6.23 11.09 -40.97
CA THR A 496 6.75 12.35 -40.51
C THR A 496 8.01 12.66 -41.32
N THR A 497 8.61 13.81 -41.07
CA THR A 497 9.84 14.16 -41.71
C THR A 497 10.90 14.60 -40.71
N VAL A 498 12.06 13.95 -40.78
CA VAL A 498 13.15 14.25 -39.85
C VAL A 498 14.45 14.59 -40.60
N ASN A 499 15.02 15.74 -40.26
CA ASN A 499 16.00 16.45 -41.10
C ASN A 499 15.60 16.45 -42.58
N GLY A 500 14.34 16.81 -42.83
CA GLY A 500 13.81 16.88 -44.20
C GLY A 500 14.09 15.60 -44.97
N MET A 501 13.70 14.48 -44.38
CA MET A 501 13.65 13.19 -45.08
C MET A 501 12.59 12.32 -44.40
N PRO A 502 11.90 11.45 -45.18
CA PRO A 502 10.78 10.68 -44.62
C PRO A 502 11.18 9.76 -43.49
N ALA A 503 10.37 9.75 -42.44
CA ALA A 503 10.59 8.83 -41.31
C ALA A 503 9.24 8.30 -40.84
N LEU A 504 9.27 7.16 -40.14
CA LEU A 504 8.05 6.63 -39.50
C LEU A 504 8.11 6.79 -37.98
N ARG A 505 7.20 7.57 -37.42
CA ARG A 505 7.17 7.70 -35.96
C ARG A 505 6.54 6.50 -35.31
N GLU A 506 7.04 6.16 -34.12
CA GLU A 506 6.57 4.97 -33.42
C GLU A 506 5.08 5.09 -33.11
N THR A 507 4.42 3.95 -33.03
CA THR A 507 3.00 3.86 -33.12
C THR A 507 2.43 3.22 -31.84
N ASP A 508 3.29 2.47 -31.14
CA ASP A 508 3.01 2.03 -29.77
C ASP A 508 2.95 3.19 -28.76
N THR A 509 2.26 2.96 -27.65
CA THR A 509 2.14 3.97 -26.61
C THR A 509 2.77 3.46 -25.33
N PHE A 510 3.00 4.39 -24.39
CA PHE A 510 3.57 4.03 -23.09
C PHE A 510 2.57 3.25 -22.25
N ASP A 511 3.04 2.14 -21.72
CA ASP A 511 2.63 1.62 -20.41
C ASP A 511 2.16 2.78 -19.49
N THR A 512 0.91 2.71 -19.04
CA THR A 512 0.34 3.65 -18.06
C THR A 512 1.13 3.90 -16.74
N PHE A 513 1.85 2.88 -16.27
CA PHE A 513 2.83 2.99 -15.17
C PHE A 513 3.84 4.11 -15.44
N MET A 514 4.03 4.45 -16.71
CA MET A 514 4.85 5.60 -17.05
C MET A 514 4.33 6.90 -16.40
N GLU A 515 3.05 7.21 -16.56
CA GLU A 515 2.54 8.46 -15.98
C GLU A 515 2.52 8.45 -14.45
N SER A 516 2.21 7.31 -13.84
CA SER A 516 2.09 7.30 -12.37
C SER A 516 3.46 7.25 -11.71
N SER A 517 4.51 7.13 -12.51
CA SER A 517 5.84 7.02 -11.92
C SER A 517 6.44 8.37 -11.46
N TRP A 518 5.89 9.49 -11.95
CA TRP A 518 6.47 10.82 -11.67
C TRP A 518 5.41 11.92 -11.37
N TYR A 519 4.11 11.56 -11.37
CA TYR A 519 3.05 12.52 -11.07
C TYR A 519 3.29 13.24 -9.74
N TYR A 520 3.72 12.48 -8.72
CA TYR A 520 3.93 13.01 -7.35
C TYR A 520 4.90 14.16 -7.36
N ALA A 521 5.87 14.08 -8.27
CA ALA A 521 6.86 15.15 -8.50
C ALA A 521 6.27 16.33 -9.22
N ARG A 522 5.54 16.07 -10.31
CA ARG A 522 4.99 17.13 -11.14
C ARG A 522 4.01 17.98 -10.32
N TYR A 523 3.36 17.38 -9.33
CA TYR A 523 2.44 18.15 -8.47
C TYR A 523 3.16 19.35 -7.87
N THR A 524 4.46 19.25 -7.67
CA THR A 524 5.16 20.41 -7.06
C THR A 524 5.27 21.62 -7.98
N CYS A 525 5.04 21.41 -9.27
CA CYS A 525 5.28 22.48 -10.23
C CYS A 525 4.45 22.28 -11.52
N PRO A 526 3.12 22.11 -11.38
CA PRO A 526 2.27 21.55 -12.45
C PRO A 526 2.17 22.45 -13.69
N GLN A 527 2.50 23.73 -13.55
CA GLN A 527 2.32 24.71 -14.63
C GLN A 527 3.66 25.13 -15.19
N TYR A 528 4.73 24.56 -14.68
CA TYR A 528 6.07 24.88 -15.18
C TYR A 528 6.29 24.35 -16.62
N LYS A 529 6.63 25.26 -17.55
CA LYS A 529 7.19 24.83 -18.83
C LYS A 529 8.66 24.92 -18.67
N GLU A 530 9.42 24.86 -19.74
CA GLU A 530 10.88 24.87 -19.55
C GLU A 530 11.42 23.51 -19.14
N GLY A 531 10.60 22.67 -18.51
CA GLY A 531 11.11 21.36 -17.99
C GLY A 531 10.11 20.50 -17.22
N MET A 532 10.43 19.22 -17.11
CA MET A 532 9.62 18.31 -16.36
C MET A 532 9.45 18.83 -14.93
N LEU A 533 10.56 19.16 -14.28
CA LEU A 533 10.50 19.73 -12.94
C LEU A 533 11.18 21.05 -12.85
N ASP A 534 10.55 21.96 -12.12
CA ASP A 534 11.22 23.07 -11.50
C ASP A 534 11.89 22.54 -10.22
N SER A 535 13.19 22.28 -10.28
CA SER A 535 13.96 21.73 -9.14
C SER A 535 13.77 22.45 -7.81
N GLU A 536 13.75 23.77 -7.85
CA GLU A 536 13.64 24.53 -6.60
C GLU A 536 12.32 24.14 -5.91
N ALA A 537 11.24 24.12 -6.67
CA ALA A 537 9.97 23.80 -6.07
C ALA A 537 9.96 22.32 -5.66
N ALA A 538 10.53 21.46 -6.50
CA ALA A 538 10.46 20.01 -6.20
C ALA A 538 11.25 19.67 -4.96
N ASN A 539 12.43 20.28 -4.83
CA ASN A 539 13.31 20.02 -3.69
C ASN A 539 12.77 20.64 -2.43
N TYR A 540 11.92 21.66 -2.59
CA TYR A 540 11.20 22.23 -1.46
C TYR A 540 10.21 21.21 -0.95
N TRP A 541 9.39 20.63 -1.83
CA TRP A 541 8.31 19.71 -1.36
C TRP A 541 8.71 18.28 -1.06
N LEU A 542 9.71 17.78 -1.77
CA LEU A 542 10.06 16.36 -1.69
C LEU A 542 11.08 16.14 -0.59
N PRO A 543 11.17 14.92 -0.03
CA PRO A 543 10.36 13.73 -0.31
C PRO A 543 8.97 13.88 0.22
N VAL A 544 8.03 13.14 -0.36
CA VAL A 544 6.69 13.02 0.17
C VAL A 544 6.84 12.61 1.62
N ASP A 545 6.12 13.27 2.52
CA ASP A 545 6.22 12.92 3.95
C ASP A 545 5.46 11.64 4.24
N ILE A 546 4.25 11.54 3.71
CA ILE A 546 3.51 10.30 3.81
C ILE A 546 2.72 10.04 2.54
N TYR A 547 2.80 8.81 2.06
CA TYR A 547 2.18 8.35 0.87
C TYR A 547 1.18 7.26 1.28
N ILE A 548 -0.10 7.50 1.00
CA ILE A 548 -1.16 6.58 1.42
C ILE A 548 -1.79 5.91 0.19
N GLY A 549 -1.71 4.57 0.17
CA GLY A 549 -2.30 3.73 -0.89
C GLY A 549 -2.13 2.22 -0.60
N GLY A 550 -2.77 1.38 -1.41
CA GLY A 550 -2.86 -0.05 -1.12
C GLY A 550 -1.56 -0.83 -1.25
N ILE A 551 -1.46 -1.92 -0.48
CA ILE A 551 -0.30 -2.82 -0.56
C ILE A 551 -0.22 -3.58 -1.88
N GLU A 552 -1.31 -3.65 -2.65
CA GLU A 552 -1.30 -4.36 -3.93
C GLU A 552 -0.32 -3.75 -4.97
N HIS A 553 0.13 -2.51 -4.73
CA HIS A 553 0.99 -1.83 -5.72
C HIS A 553 2.46 -2.08 -5.43
N ALA A 554 2.69 -2.92 -4.42
CA ALA A 554 4.00 -3.13 -3.80
C ALA A 554 5.15 -3.27 -4.83
N ILE A 555 4.96 -4.13 -5.82
CA ILE A 555 6.08 -4.46 -6.72
C ILE A 555 5.86 -3.97 -8.15
N MET A 556 4.81 -3.17 -8.33
CA MET A 556 4.63 -2.47 -9.57
C MET A 556 4.87 -1.00 -9.30
N HIS A 557 3.80 -0.22 -9.12
CA HIS A 557 3.92 1.23 -8.96
C HIS A 557 4.95 1.64 -7.87
N LEU A 558 4.92 0.98 -6.73
CA LEU A 558 5.79 1.38 -5.61
C LEU A 558 7.26 1.09 -5.84
N LEU A 559 7.55 0.20 -6.78
CA LEU A 559 8.91 0.00 -7.21
C LEU A 559 9.26 1.00 -8.35
N TYR A 560 8.41 1.09 -9.37
CA TYR A 560 8.61 2.06 -10.47
C TYR A 560 8.83 3.50 -10.00
N PHE A 561 8.12 3.95 -8.98
CA PHE A 561 8.27 5.35 -8.63
C PHE A 561 9.54 5.64 -7.85
N ARG A 562 10.07 4.63 -7.15
CA ARG A 562 11.39 4.75 -6.53
C ARG A 562 12.47 4.84 -7.60
N PHE A 563 12.41 3.90 -8.55
CA PHE A 563 13.28 3.93 -9.70
C PHE A 563 13.22 5.28 -10.42
N PHE A 564 12.00 5.75 -10.74
CA PHE A 564 11.88 6.97 -11.55
C PHE A 564 12.47 8.15 -10.79
N HIS A 565 12.22 8.18 -9.49
CA HIS A 565 12.84 9.22 -8.66
C HIS A 565 14.37 9.28 -8.79
N LYS A 566 15.00 8.11 -8.75
CA LYS A 566 16.43 8.00 -8.87
C LYS A 566 16.90 8.45 -10.28
N LEU A 567 16.07 8.18 -11.31
CA LEU A 567 16.39 8.62 -12.65
C LEU A 567 16.38 10.16 -12.71
N MET A 568 15.45 10.76 -11.98
CA MET A 568 15.28 12.24 -12.01
C MET A 568 16.39 12.91 -11.15
N ARG A 569 16.74 12.27 -10.02
CA ARG A 569 17.91 12.69 -9.24
C ARG A 569 19.16 12.73 -10.15
N ASP A 570 19.37 11.63 -10.87
CA ASP A 570 20.54 11.45 -11.71
C ASP A 570 20.55 12.24 -13.00
N ALA A 571 19.41 12.88 -13.32
CA ALA A 571 19.39 13.92 -14.36
C ALA A 571 19.48 15.30 -13.74
N GLY A 572 19.77 15.38 -12.45
CA GLY A 572 19.92 16.67 -11.81
C GLY A 572 18.62 17.34 -11.42
N MET A 573 17.49 16.66 -11.68
CA MET A 573 16.20 17.30 -11.42
C MET A 573 15.78 17.37 -9.96
N VAL A 574 16.24 16.41 -9.14
CA VAL A 574 15.98 16.45 -7.68
C VAL A 574 17.23 16.07 -6.94
N ASN A 575 17.24 16.32 -5.64
CA ASN A 575 18.45 16.14 -4.81
C ASN A 575 18.24 15.18 -3.64
N SER A 576 17.44 14.16 -3.79
CA SER A 576 17.18 13.19 -2.67
C SER A 576 17.12 11.86 -3.35
N ASP A 577 17.41 10.80 -2.60
CA ASP A 577 17.50 9.47 -3.13
C ASP A 577 16.14 8.76 -3.24
N GLU A 578 15.19 9.10 -2.37
CA GLU A 578 13.96 8.30 -2.24
C GLU A 578 12.76 9.18 -2.29
N PRO A 579 11.71 8.75 -3.00
CA PRO A 579 10.57 9.68 -3.21
C PRO A 579 9.71 9.92 -1.98
N ALA A 580 9.66 8.95 -1.06
CA ALA A 580 8.65 8.98 0.06
C ALA A 580 9.19 8.43 1.37
N LYS A 581 9.08 9.22 2.41
CA LYS A 581 9.56 8.79 3.74
C LYS A 581 8.70 7.67 4.32
N GLN A 582 7.44 7.99 4.61
CA GLN A 582 6.48 7.00 5.09
C GLN A 582 5.51 6.54 4.02
N LEU A 583 5.33 5.23 3.94
CA LEU A 583 4.28 4.63 3.14
C LEU A 583 3.26 4.01 4.09
N LEU A 584 2.00 4.44 4.02
CA LEU A 584 0.94 3.82 4.80
C LEU A 584 -0.05 3.10 3.87
N CYS A 585 -0.08 1.76 3.97
CA CYS A 585 -1.05 0.95 3.24
C CYS A 585 -2.34 0.73 4.04
N GLN A 586 -3.40 1.40 3.62
CA GLN A 586 -4.66 1.28 4.30
C GLN A 586 -5.27 -0.08 4.00
N GLY A 587 -5.96 -0.64 4.99
CA GLY A 587 -6.69 -1.90 4.83
C GLY A 587 -7.83 -1.82 3.83
N MET A 588 -8.25 -2.98 3.35
CA MET A 588 -9.45 -3.11 2.53
C MET A 588 -10.73 -2.82 3.31
N VAL A 589 -11.74 -2.33 2.59
CA VAL A 589 -13.09 -2.22 3.10
C VAL A 589 -13.86 -3.51 2.78
N LEU A 590 -14.39 -4.15 3.83
CA LEU A 590 -15.19 -5.36 3.73
C LEU A 590 -16.68 -5.07 3.93
N ALA A 591 -17.52 -5.91 3.36
CA ALA A 591 -18.94 -5.93 3.71
C ALA A 591 -19.46 -7.35 3.79
N ASP A 592 -20.56 -7.53 4.52
CA ASP A 592 -21.28 -8.80 4.56
C ASP A 592 -21.59 -9.26 3.11
N ALA A 593 -21.59 -10.56 2.90
CA ALA A 593 -21.89 -11.17 1.60
C ALA A 593 -22.85 -12.35 1.78
N PHE A 594 -23.87 -12.43 0.93
CA PHE A 594 -24.91 -13.43 1.04
C PHE A 594 -25.15 -14.08 -0.33
N TYR A 595 -25.67 -15.30 -0.34
CA TYR A 595 -26.14 -15.87 -1.60
C TYR A 595 -27.19 -16.91 -1.31
N TYR A 596 -28.07 -17.12 -2.25
CA TYR A 596 -28.89 -18.31 -2.25
C TYR A 596 -28.56 -19.26 -3.41
N VAL A 597 -28.98 -20.49 -3.25
CA VAL A 597 -28.79 -21.48 -4.26
C VAL A 597 -30.08 -21.59 -5.10
N GLY A 598 -30.00 -21.23 -6.37
CA GLY A 598 -31.15 -21.37 -7.27
C GLY A 598 -31.51 -22.82 -7.46
N GLU A 599 -32.69 -23.06 -7.98
CA GLU A 599 -33.15 -24.42 -8.20
C GLU A 599 -32.33 -25.09 -9.30
N ASN A 600 -31.56 -24.27 -10.03
CA ASN A 600 -30.61 -24.74 -11.02
C ASN A 600 -29.22 -25.11 -10.41
N GLY A 601 -29.07 -25.00 -9.08
CA GLY A 601 -27.76 -25.29 -8.43
C GLY A 601 -26.74 -24.15 -8.55
N GLU A 602 -27.17 -23.03 -9.11
CA GLU A 602 -26.29 -21.86 -9.24
C GLU A 602 -26.38 -20.92 -8.00
N ARG A 603 -25.23 -20.48 -7.52
CA ARG A 603 -25.17 -19.50 -6.43
C ARG A 603 -25.53 -18.12 -6.98
N ASN A 604 -26.54 -17.49 -6.38
CA ASN A 604 -26.89 -16.09 -6.68
C ASN A 604 -26.62 -15.14 -5.51
N TRP A 605 -25.70 -14.21 -5.74
CA TRP A 605 -25.24 -13.33 -4.66
C TRP A 605 -26.15 -12.14 -4.46
N VAL A 606 -26.54 -11.89 -3.21
CA VAL A 606 -27.47 -10.81 -2.88
C VAL A 606 -26.78 -9.75 -2.01
N SER A 607 -26.81 -8.51 -2.49
CA SER A 607 -26.31 -7.39 -1.72
C SER A 607 -26.78 -7.47 -0.25
N PRO A 608 -25.86 -7.20 0.69
CA PRO A 608 -26.23 -7.16 2.10
C PRO A 608 -27.27 -6.07 2.41
N VAL A 609 -27.23 -4.96 1.65
CA VAL A 609 -28.36 -4.01 1.68
C VAL A 609 -29.72 -4.71 1.43
N ASP A 610 -29.74 -5.71 0.55
CA ASP A 610 -31.02 -6.36 0.15
C ASP A 610 -31.35 -7.59 0.98
N ALA A 611 -30.66 -7.75 2.10
CA ALA A 611 -30.81 -8.96 2.88
C ALA A 611 -31.58 -8.68 4.13
N ILE A 612 -32.66 -9.42 4.32
CA ILE A 612 -33.39 -9.34 5.57
C ILE A 612 -32.95 -10.46 6.48
N VAL A 613 -32.17 -10.08 7.49
CA VAL A 613 -31.59 -11.03 8.45
C VAL A 613 -32.54 -11.27 9.61
N GLU A 614 -32.39 -12.39 10.30
CA GLU A 614 -33.04 -12.57 11.60
C GLU A 614 -32.13 -13.24 12.63
N ARG A 615 -32.27 -12.83 13.89
CA ARG A 615 -31.23 -13.01 14.91
C ARG A 615 -31.71 -13.72 16.16
N ASP A 616 -30.81 -14.48 16.80
CA ASP A 616 -31.12 -15.08 18.09
C ASP A 616 -31.10 -14.04 19.21
N GLU A 617 -31.08 -14.52 20.45
CA GLU A 617 -31.31 -13.65 21.59
C GLU A 617 -30.05 -12.92 22.02
N LYS A 618 -29.01 -13.06 21.21
CA LYS A 618 -27.75 -12.38 21.41
C LYS A 618 -27.34 -11.67 20.13
N GLY A 619 -28.21 -11.70 19.12
CA GLY A 619 -28.02 -10.87 17.95
C GLY A 619 -27.26 -11.50 16.79
N ARG A 620 -26.89 -12.77 16.92
CA ARG A 620 -26.29 -13.50 15.81
C ARG A 620 -27.28 -13.74 14.67
N ILE A 621 -26.82 -13.55 13.43
CA ILE A 621 -27.59 -13.97 12.26
C ILE A 621 -27.79 -15.49 12.29
N VAL A 622 -29.04 -15.95 12.17
CA VAL A 622 -29.34 -17.39 12.09
C VAL A 622 -30.23 -17.78 10.91
N LYS A 623 -30.87 -16.79 10.28
CA LYS A 623 -31.63 -17.03 9.05
C LYS A 623 -31.81 -15.70 8.27
N ALA A 624 -31.80 -15.80 6.94
CA ALA A 624 -31.88 -14.61 6.10
C ALA A 624 -32.57 -14.86 4.78
N LYS A 625 -33.18 -13.81 4.21
CA LYS A 625 -33.97 -13.92 2.97
C LYS A 625 -33.82 -12.64 2.15
N ASP A 626 -33.98 -12.74 0.83
CA ASP A 626 -34.17 -11.52 0.01
C ASP A 626 -35.66 -11.19 -0.13
N ALA A 627 -35.98 -10.08 -0.80
CA ALA A 627 -37.39 -9.66 -0.96
C ALA A 627 -38.21 -10.74 -1.68
N ALA A 628 -37.59 -11.40 -2.66
CA ALA A 628 -38.27 -12.43 -3.44
C ALA A 628 -38.54 -13.69 -2.63
N GLY A 629 -38.04 -13.74 -1.39
CA GLY A 629 -38.24 -14.92 -0.51
C GLY A 629 -37.21 -16.05 -0.55
N HIS A 630 -36.05 -15.86 -1.22
CA HIS A 630 -35.04 -16.93 -1.29
C HIS A 630 -34.31 -17.09 0.03
N GLU A 631 -33.98 -18.31 0.38
CA GLU A 631 -33.11 -18.60 1.52
C GLU A 631 -31.67 -18.17 1.24
N LEU A 632 -31.16 -17.21 2.05
CA LEU A 632 -29.78 -16.72 1.90
C LEU A 632 -28.82 -17.44 2.86
N VAL A 633 -27.62 -17.80 2.38
CA VAL A 633 -26.52 -18.17 3.27
C VAL A 633 -25.57 -16.98 3.54
N TYR A 634 -25.34 -16.71 4.84
CA TYR A 634 -24.40 -15.68 5.28
C TYR A 634 -22.97 -16.20 5.19
N THR A 635 -22.13 -15.56 4.39
CA THR A 635 -20.73 -15.99 4.27
C THR A 635 -19.75 -15.12 5.07
N GLY A 636 -20.26 -14.20 5.89
CA GLY A 636 -19.40 -13.34 6.71
C GLY A 636 -18.98 -12.08 5.97
N MET A 637 -18.02 -11.37 6.53
CA MET A 637 -17.48 -10.16 5.94
C MET A 637 -16.46 -10.54 4.87
N SER A 638 -16.54 -9.88 3.72
CA SER A 638 -15.70 -10.22 2.56
CA SER A 638 -15.69 -10.22 2.58
C SER A 638 -15.34 -8.95 1.79
N LYS A 639 -14.22 -8.99 1.08
CA LYS A 639 -13.82 -7.89 0.19
C LYS A 639 -15.00 -7.48 -0.67
N MET A 640 -15.23 -6.17 -0.81
CA MET A 640 -16.27 -5.67 -1.72
C MET A 640 -15.95 -6.00 -3.15
N SER A 641 -16.98 -6.31 -3.94
CA SER A 641 -16.76 -6.90 -5.25
C SER A 641 -18.05 -7.02 -6.07
N LYS A 642 -17.89 -7.15 -7.39
CA LYS A 642 -19.03 -7.37 -8.28
C LYS A 642 -19.46 -8.83 -8.29
N SER A 643 -18.49 -9.74 -8.13
CA SER A 643 -18.78 -11.16 -8.07
C SER A 643 -19.75 -11.48 -6.93
N LYS A 644 -19.57 -10.84 -5.77
CA LYS A 644 -20.36 -11.15 -4.56
C LYS A 644 -21.48 -10.15 -4.34
N ASN A 645 -21.53 -9.14 -5.19
CA ASN A 645 -22.62 -8.18 -5.15
C ASN A 645 -22.78 -7.46 -3.78
N ASN A 646 -21.65 -7.28 -3.08
CA ASN A 646 -21.68 -6.63 -1.77
C ASN A 646 -21.05 -5.21 -1.78
N GLY A 647 -20.75 -4.69 -2.98
CA GLY A 647 -20.30 -3.29 -3.14
C GLY A 647 -21.26 -2.30 -2.52
N ILE A 648 -20.73 -1.33 -1.79
CA ILE A 648 -21.54 -0.19 -1.36
C ILE A 648 -21.06 1.05 -2.07
N ASP A 649 -22.00 1.80 -2.63
CA ASP A 649 -21.71 3.06 -3.31
C ASP A 649 -21.55 4.22 -2.34
N PRO A 650 -20.32 4.79 -2.26
CA PRO A 650 -20.10 5.86 -1.29
C PRO A 650 -21.07 7.01 -1.49
N GLN A 651 -21.35 7.35 -2.76
CA GLN A 651 -22.25 8.48 -3.06
C GLN A 651 -23.62 8.34 -2.36
N VAL A 652 -24.13 7.13 -2.25
CA VAL A 652 -25.45 6.95 -1.64
C VAL A 652 -25.37 7.31 -0.16
N MET A 653 -24.26 6.94 0.46
CA MET A 653 -24.11 7.16 1.89
C MET A 653 -23.79 8.63 2.16
N VAL A 654 -23.03 9.25 1.27
CA VAL A 654 -22.82 10.69 1.38
C VAL A 654 -24.14 11.43 1.25
N GLU A 655 -24.96 11.03 0.29
CA GLU A 655 -26.23 11.71 0.10
C GLU A 655 -27.21 11.41 1.22
N ARG A 656 -27.15 10.21 1.78
CA ARG A 656 -28.00 9.88 2.90
C ARG A 656 -27.60 10.56 4.22
N TYR A 657 -26.32 10.56 4.57
CA TYR A 657 -25.93 10.99 5.93
C TYR A 657 -25.11 12.26 6.00
N GLY A 658 -24.63 12.74 4.84
CA GLY A 658 -23.65 13.83 4.76
C GLY A 658 -22.24 13.24 4.77
N ALA A 659 -21.27 13.98 4.21
CA ALA A 659 -19.92 13.48 4.11
C ALA A 659 -19.28 13.25 5.49
N ASP A 660 -19.52 14.18 6.42
CA ASP A 660 -18.88 14.12 7.74
C ASP A 660 -19.14 12.77 8.43
N THR A 661 -20.39 12.31 8.45
CA THR A 661 -20.75 11.00 9.02
C THR A 661 -19.99 9.90 8.31
N VAL A 662 -19.99 9.95 6.97
CA VAL A 662 -19.28 8.93 6.21
C VAL A 662 -17.81 8.93 6.59
N ARG A 663 -17.19 10.11 6.56
CA ARG A 663 -15.76 10.23 6.89
C ARG A 663 -15.53 9.74 8.31
N LEU A 664 -16.36 10.19 9.24
CA LEU A 664 -16.13 9.83 10.64
C LEU A 664 -16.22 8.30 10.80
N PHE A 665 -17.26 7.70 10.23
CA PHE A 665 -17.36 6.25 10.35
C PHE A 665 -16.08 5.57 9.91
N MET A 666 -15.61 5.92 8.72
CA MET A 666 -14.51 5.23 8.12
C MET A 666 -13.19 5.42 8.88
N MET A 667 -13.06 6.54 9.61
CA MET A 667 -11.86 6.73 10.44
C MET A 667 -12.01 6.07 11.82
N PHE A 668 -13.26 5.98 12.27
CA PHE A 668 -13.54 5.44 13.59
C PHE A 668 -13.51 3.88 13.69
N ALA A 669 -13.85 3.18 12.60
CA ALA A 669 -14.27 1.79 12.78
C ALA A 669 -13.08 0.87 12.95
N SER A 670 -11.93 1.34 12.54
CA SER A 670 -10.83 0.44 12.43
C SER A 670 -9.56 1.25 12.20
N PRO A 671 -8.42 0.78 12.74
CA PRO A 671 -7.11 1.41 12.47
C PRO A 671 -6.85 1.44 10.97
N ALA A 672 -6.24 2.53 10.49
CA ALA A 672 -6.07 2.75 9.05
C ALA A 672 -5.55 1.53 8.27
N ASP A 673 -4.60 0.79 8.86
CA ASP A 673 -3.93 -0.28 8.12
C ASP A 673 -4.57 -1.66 8.29
N MET A 674 -5.65 -1.77 9.04
CA MET A 674 -6.35 -3.03 9.19
C MET A 674 -7.58 -2.96 8.30
N THR A 675 -8.18 -4.11 8.01
CA THR A 675 -9.41 -4.12 7.21
C THR A 675 -10.53 -3.38 7.97
N LEU A 676 -11.43 -2.74 7.25
CA LEU A 676 -12.55 -2.06 7.86
C LEU A 676 -13.88 -2.76 7.49
N GLU A 677 -14.68 -3.08 8.48
CA GLU A 677 -15.96 -3.74 8.22
C GLU A 677 -17.06 -2.69 8.12
N TRP A 678 -17.58 -2.51 6.91
CA TRP A 678 -18.66 -1.58 6.68
C TRP A 678 -19.94 -2.08 7.38
N GLN A 679 -20.60 -1.20 8.13
CA GLN A 679 -21.84 -1.55 8.81
C GLN A 679 -22.73 -0.33 8.75
N GLU A 680 -23.93 -0.48 8.20
CA GLU A 680 -24.92 0.63 8.18
C GLU A 680 -25.16 1.12 9.61
N SER A 681 -25.19 0.19 10.56
CA SER A 681 -25.41 0.56 11.95
C SER A 681 -24.27 1.40 12.60
N GLY A 682 -23.03 1.14 12.21
CA GLY A 682 -21.88 1.99 12.61
C GLY A 682 -22.01 3.34 11.98
N VAL A 683 -22.45 3.39 10.73
CA VAL A 683 -22.63 4.68 10.07
C VAL A 683 -23.72 5.51 10.74
N GLU A 684 -24.83 4.88 11.11
CA GLU A 684 -25.88 5.62 11.79
C GLU A 684 -25.42 6.05 13.19
N GLY A 685 -24.60 5.20 13.81
CA GLY A 685 -23.93 5.53 15.09
C GLY A 685 -23.11 6.81 15.00
N ALA A 686 -22.25 6.89 13.98
CA ALA A 686 -21.43 8.09 13.74
C ALA A 686 -22.30 9.34 13.53
N ASN A 687 -23.36 9.17 12.75
CA ASN A 687 -24.29 10.23 12.50
C ASN A 687 -25.00 10.77 13.79
N ARG A 688 -25.34 9.86 14.70
CA ARG A 688 -26.04 10.26 15.93
C ARG A 688 -25.09 11.01 16.84
N PHE A 689 -23.82 10.60 16.81
CA PHE A 689 -22.79 11.26 17.57
C PHE A 689 -22.68 12.71 17.12
N LEU A 690 -22.68 12.91 15.80
CA LEU A 690 -22.56 14.25 15.26
C LEU A 690 -23.75 15.10 15.68
N LYS A 691 -24.94 14.52 15.68
CA LYS A 691 -26.09 15.21 16.23
C LYS A 691 -25.93 15.53 17.72
N ARG A 692 -25.36 14.62 18.51
CA ARG A 692 -25.08 14.96 19.91
C ARG A 692 -24.09 16.11 20.07
N VAL A 693 -23.07 16.18 19.22
CA VAL A 693 -22.13 17.32 19.29
C VAL A 693 -22.83 18.62 18.90
N TRP A 694 -23.64 18.56 17.87
CA TRP A 694 -24.40 19.72 17.40
C TRP A 694 -25.33 20.23 18.52
N LYS A 695 -26.03 19.30 19.12
CA LYS A 695 -26.98 19.62 20.19
C LYS A 695 -26.30 20.37 21.37
N LEU A 696 -25.20 19.80 21.84
CA LEU A 696 -24.52 20.36 22.99
C LEU A 696 -23.96 21.76 22.67
N VAL A 697 -23.51 21.96 21.44
CA VAL A 697 -23.09 23.30 21.06
C VAL A 697 -24.30 24.22 20.89
N TYR A 698 -25.41 23.70 20.35
CA TYR A 698 -26.65 24.48 20.30
C TYR A 698 -27.06 24.98 21.70
N GLU A 699 -27.12 24.05 22.66
CA GLU A 699 -27.55 24.39 24.00
C GLU A 699 -26.58 25.36 24.66
N HIS A 700 -25.30 25.22 24.37
CA HIS A 700 -24.31 26.05 25.04
C HIS A 700 -24.35 27.48 24.54
N THR A 701 -24.48 27.63 23.22
CA THR A 701 -24.46 28.95 22.61
C THR A 701 -25.80 29.67 22.75
N ALA A 702 -26.88 28.93 22.91
CA ALA A 702 -28.18 29.53 23.16
C ALA A 702 -28.15 30.47 24.37
N LYS A 703 -27.13 30.36 25.21
CA LYS A 703 -27.11 31.15 26.44
C LYS A 703 -26.11 32.29 26.39
N GLY A 704 -25.56 32.56 25.21
CA GLY A 704 -24.79 33.76 25.00
C GLY A 704 -23.33 33.66 25.35
N ASP A 705 -22.66 34.80 25.40
CA ASP A 705 -21.25 34.89 25.74
C ASP A 705 -20.91 34.30 27.12
N VAL A 706 -19.62 34.01 27.33
CA VAL A 706 -19.17 33.44 28.61
C VAL A 706 -18.20 34.38 29.26
N ALA A 707 -18.15 34.36 30.59
CA ALA A 707 -17.05 35.03 31.29
C ALA A 707 -15.68 34.33 31.00
N ALA A 708 -14.59 35.01 31.29
CA ALA A 708 -13.27 34.39 31.25
C ALA A 708 -13.21 33.30 32.34
N LEU A 709 -12.57 32.19 32.04
CA LEU A 709 -12.48 31.11 33.01
C LEU A 709 -11.52 31.48 34.16
N ASN A 710 -11.93 31.23 35.38
CA ASN A 710 -11.04 31.37 36.53
C ASN A 710 -10.49 30.01 36.94
N VAL A 711 -9.23 29.73 36.64
CA VAL A 711 -8.73 28.35 36.77
C VAL A 711 -8.33 27.99 38.19
N ASP A 712 -8.22 29.01 39.05
CA ASP A 712 -7.79 28.82 40.43
C ASP A 712 -8.91 28.47 41.33
N ALA A 713 -10.11 28.89 40.95
CA ALA A 713 -11.26 28.69 41.80
C ALA A 713 -12.18 27.56 41.35
N LEU A 714 -11.64 26.48 40.80
CA LEU A 714 -12.49 25.38 40.36
C LEU A 714 -12.81 24.39 41.47
N THR A 715 -14.01 23.84 41.43
CA THR A 715 -14.39 22.73 42.27
C THR A 715 -13.51 21.50 41.97
N GLU A 716 -13.38 20.57 42.92
CA GLU A 716 -12.70 19.31 42.62
C GLU A 716 -13.35 18.64 41.42
N ASN A 717 -14.67 18.75 41.31
CA ASN A 717 -15.41 18.22 40.18
C ASN A 717 -15.09 18.94 38.86
N GLN A 718 -14.90 20.25 38.95
CA GLN A 718 -14.57 21.02 37.76
C GLN A 718 -13.15 20.73 37.29
N LYS A 719 -12.23 20.70 38.23
CA LYS A 719 -10.85 20.40 37.95
C LYS A 719 -10.77 19.07 37.24
N ALA A 720 -11.58 18.13 37.69
CA ALA A 720 -11.54 16.78 37.15
C ALA A 720 -12.01 16.76 35.70
N LEU A 721 -13.12 17.46 35.41
CA LEU A 721 -13.62 17.59 34.03
C LEU A 721 -12.53 18.25 33.17
N ARG A 722 -11.95 19.32 33.69
CA ARG A 722 -10.97 20.07 32.90
C ARG A 722 -9.70 19.26 32.66
N ARG A 723 -9.26 18.55 33.69
CA ARG A 723 -8.18 17.61 33.51
C ARG A 723 -8.54 16.60 32.39
N ASP A 724 -9.77 16.14 32.36
CA ASP A 724 -10.15 15.18 31.32
C ASP A 724 -10.13 15.81 29.92
N VAL A 725 -10.57 17.07 29.82
CA VAL A 725 -10.43 17.80 28.59
C VAL A 725 -8.98 17.77 28.11
N HIS A 726 -8.05 18.13 28.96
CA HIS A 726 -6.66 18.35 28.48
C HIS A 726 -5.89 17.04 28.30
N LYS A 727 -6.16 16.07 29.17
CA LYS A 727 -5.68 14.72 28.92
C LYS A 727 -6.19 14.18 27.59
N THR A 728 -7.40 14.55 27.20
CA THR A 728 -7.96 14.07 25.96
C THR A 728 -7.18 14.72 24.84
N ILE A 729 -6.99 16.03 24.93
CA ILE A 729 -6.16 16.75 23.97
C ILE A 729 -4.78 16.07 23.79
N ALA A 730 -4.09 15.79 24.90
CA ALA A 730 -2.77 15.10 24.83
C ALA A 730 -2.87 13.75 24.14
N LYS A 731 -3.90 12.98 24.50
CA LYS A 731 -4.08 11.66 23.94
C LYS A 731 -4.42 11.67 22.42
N VAL A 732 -5.44 12.44 22.04
CA VAL A 732 -5.76 12.64 20.64
C VAL A 732 -4.57 13.10 19.77
N THR A 733 -3.75 14.02 20.32
CA THR A 733 -2.54 14.51 19.64
C THR A 733 -1.55 13.37 19.40
N ASP A 734 -1.29 12.60 20.46
CA ASP A 734 -0.35 11.47 20.41
C ASP A 734 -0.86 10.42 19.41
N ASP A 735 -2.16 10.18 19.44
CA ASP A 735 -2.77 9.13 18.62
C ASP A 735 -2.77 9.44 17.15
N ILE A 736 -3.04 10.70 16.80
CA ILE A 736 -3.07 11.14 15.42
C ILE A 736 -1.65 11.34 14.89
N GLY A 737 -0.80 12.01 15.66
CA GLY A 737 0.48 12.46 15.15
C GLY A 737 1.62 11.46 15.22
N ARG A 738 1.64 10.63 16.25
CA ARG A 738 2.70 9.68 16.42
C ARG A 738 2.20 8.28 16.10
N ARG A 739 1.15 7.83 16.77
CA ARG A 739 0.73 6.42 16.68
C ARG A 739 -0.08 6.13 15.44
N GLN A 740 -0.74 7.17 14.91
CA GLN A 740 -1.58 7.04 13.73
C GLN A 740 -2.73 6.02 13.93
N THR A 741 -3.26 5.98 15.15
CA THR A 741 -4.46 5.21 15.47
C THR A 741 -5.65 6.16 15.60
N PHE A 742 -6.27 6.44 14.47
CA PHE A 742 -7.34 7.42 14.38
C PHE A 742 -8.61 6.98 15.05
N ASN A 743 -8.84 5.65 15.05
CA ASN A 743 -9.95 5.05 15.76
C ASN A 743 -9.89 5.31 17.26
N THR A 744 -8.72 5.19 17.89
CA THR A 744 -8.69 5.45 19.33
C THR A 744 -8.75 6.97 19.60
N ALA A 745 -8.29 7.78 18.65
CA ALA A 745 -8.34 9.24 18.85
C ALA A 745 -9.81 9.66 18.95
N ILE A 746 -10.61 9.12 18.05
CA ILE A 746 -11.98 9.45 17.96
C ILE A 746 -12.76 8.92 19.17
N ALA A 747 -12.48 7.68 19.57
CA ALA A 747 -13.02 7.13 20.82
C ALA A 747 -12.73 8.07 22.03
N ALA A 748 -11.52 8.64 22.10
CA ALA A 748 -11.21 9.53 23.21
C ALA A 748 -12.09 10.79 23.12
N ILE A 749 -12.33 11.27 21.88
CA ILE A 749 -13.26 12.37 21.72
C ILE A 749 -14.70 12.00 22.19
N MET A 750 -15.22 10.87 21.72
CA MET A 750 -16.56 10.48 22.13
C MET A 750 -16.62 10.33 23.64
N GLU A 751 -15.61 9.72 24.22
CA GLU A 751 -15.63 9.50 25.63
C GLU A 751 -15.74 10.85 26.35
N LEU A 752 -15.04 11.85 25.84
CA LEU A 752 -15.05 13.11 26.51
C LEU A 752 -16.40 13.81 26.29
N MET A 753 -16.93 13.70 25.07
CA MET A 753 -18.25 14.27 24.76
C MET A 753 -19.30 13.70 25.71
N ASN A 754 -19.23 12.39 26.00
CA ASN A 754 -20.17 11.79 26.97
C ASN A 754 -20.11 12.49 28.32
N LYS A 755 -18.91 12.68 28.85
CA LYS A 755 -18.74 13.42 30.09
C LYS A 755 -19.23 14.86 29.98
N LEU A 756 -18.89 15.54 28.90
CA LEU A 756 -19.29 16.94 28.78
C LEU A 756 -20.81 17.08 28.77
N ALA A 757 -21.51 16.11 28.17
CA ALA A 757 -22.97 16.14 28.07
C ALA A 757 -23.64 16.01 29.43
N LYS A 758 -22.88 15.51 30.42
CA LYS A 758 -23.42 15.27 31.77
C LYS A 758 -23.09 16.39 32.76
N ALA A 759 -22.21 17.32 32.37
CA ALA A 759 -21.75 18.36 33.27
C ALA A 759 -22.76 19.51 33.33
N PRO A 760 -22.88 20.18 34.50
CA PRO A 760 -23.81 21.32 34.63
C PRO A 760 -23.36 22.47 33.74
N THR A 761 -24.29 23.40 33.44
CA THR A 761 -24.01 24.52 32.52
C THR A 761 -24.79 25.80 32.93
N ASP A 762 -25.11 25.91 34.22
CA ASP A 762 -25.85 27.06 34.72
C ASP A 762 -24.90 28.16 35.16
N GLY A 763 -24.07 27.85 36.16
CA GLY A 763 -23.08 28.79 36.66
C GLY A 763 -22.15 29.31 35.60
N GLU A 764 -21.65 30.53 35.82
CA GLU A 764 -20.78 31.22 34.87
C GLU A 764 -19.51 30.38 34.58
N GLN A 765 -18.98 29.76 35.63
CA GLN A 765 -17.75 28.99 35.56
C GLN A 765 -17.94 27.67 34.78
N ASP A 766 -19.04 27.00 35.04
CA ASP A 766 -19.37 25.80 34.30
C ASP A 766 -19.49 26.13 32.81
N ARG A 767 -20.10 27.27 32.50
CA ARG A 767 -20.23 27.69 31.11
C ARG A 767 -18.85 28.02 30.48
N ALA A 768 -18.01 28.74 31.21
CA ALA A 768 -16.67 29.09 30.71
C ALA A 768 -15.86 27.81 30.48
N LEU A 769 -16.03 26.84 31.36
CA LEU A 769 -15.34 25.59 31.23
C LEU A 769 -15.87 24.87 29.98
N MET A 770 -17.18 24.91 29.79
CA MET A 770 -17.80 24.26 28.66
C MET A 770 -17.35 24.92 27.36
N GLN A 771 -17.17 26.24 27.38
CA GLN A 771 -16.67 26.96 26.20
C GLN A 771 -15.27 26.44 25.83
N GLU A 772 -14.38 26.37 26.83
CA GLU A 772 -13.02 25.90 26.58
C GLU A 772 -13.01 24.46 26.02
N ALA A 773 -13.81 23.57 26.62
CA ALA A 773 -13.93 22.19 26.14
C ALA A 773 -14.49 22.06 24.73
N LEU A 774 -15.53 22.84 24.42
CA LEU A 774 -16.15 22.75 23.10
C LEU A 774 -15.23 23.30 22.00
N LEU A 775 -14.46 24.33 22.32
CA LEU A 775 -13.49 24.88 21.39
C LEU A 775 -12.37 23.85 21.14
N ALA A 776 -11.97 23.12 22.19
CA ALA A 776 -11.03 22.01 22.00
C ALA A 776 -11.64 20.79 21.24
N VAL A 777 -12.86 20.39 21.61
CA VAL A 777 -13.50 19.25 20.95
C VAL A 777 -13.70 19.52 19.44
N VAL A 778 -14.19 20.71 19.14
CA VAL A 778 -14.51 21.06 17.80
C VAL A 778 -13.26 21.06 16.91
N ARG A 779 -12.14 21.51 17.47
CA ARG A 779 -10.85 21.46 16.74
C ARG A 779 -10.31 20.03 16.56
N MET A 780 -10.46 19.20 17.60
CA MET A 780 -10.04 17.81 17.56
C MET A 780 -10.79 17.00 16.54
N LEU A 781 -12.06 17.33 16.33
CA LEU A 781 -12.87 16.59 15.36
C LEU A 781 -12.63 17.07 13.93
N ASN A 782 -12.09 18.28 13.81
CA ASN A 782 -12.08 19.00 12.54
C ASN A 782 -11.42 18.24 11.35
N PRO A 783 -10.29 17.56 11.60
CA PRO A 783 -9.70 16.82 10.47
C PRO A 783 -10.58 15.66 10.01
N PHE A 784 -11.42 15.12 10.91
CA PHE A 784 -12.37 14.07 10.52
C PHE A 784 -13.67 14.60 9.90
N THR A 785 -14.28 15.59 10.56
CA THR A 785 -15.58 16.07 10.15
C THR A 785 -15.51 17.58 9.94
N PRO A 786 -14.83 18.03 8.85
CA PRO A 786 -14.51 19.46 8.86
C PRO A 786 -15.70 20.37 8.52
N HIS A 787 -16.72 19.85 7.86
CA HIS A 787 -17.82 20.75 7.50
C HIS A 787 -18.55 21.20 8.75
N ILE A 788 -18.94 20.25 9.59
CA ILE A 788 -19.68 20.59 10.83
C ILE A 788 -18.78 21.37 11.80
N CYS A 789 -17.50 21.02 11.84
CA CYS A 789 -16.56 21.71 12.71
C CYS A 789 -16.29 23.16 12.30
N PHE A 790 -16.25 23.39 10.99
CA PHE A 790 -16.09 24.72 10.46
C PHE A 790 -17.27 25.60 10.92
N THR A 791 -18.46 25.02 10.86
CA THR A 791 -19.68 25.75 11.22
C THR A 791 -19.74 25.94 12.74
N LEU A 792 -19.48 24.87 13.50
CA LEU A 792 -19.59 24.94 14.95
C LEU A 792 -18.61 25.97 15.49
N TRP A 793 -17.41 26.01 14.89
CA TRP A 793 -16.37 26.94 15.34
C TRP A 793 -16.92 28.38 15.31
N GLN A 794 -17.67 28.70 14.26
CA GLN A 794 -18.26 30.02 14.11
C GLN A 794 -19.31 30.25 15.17
N GLU A 795 -20.15 29.26 15.43
CA GLU A 795 -21.16 29.37 16.46
C GLU A 795 -20.51 29.69 17.79
N LEU A 796 -19.39 29.02 18.10
CA LEU A 796 -18.67 29.25 19.35
C LEU A 796 -17.94 30.56 19.35
N LYS A 797 -17.99 31.26 18.23
CA LYS A 797 -17.18 32.47 18.06
C LYS A 797 -15.69 32.23 18.20
N GLY A 798 -15.23 31.10 17.71
CA GLY A 798 -13.77 30.89 17.60
C GLY A 798 -13.19 31.94 16.65
N GLU A 799 -11.93 32.30 16.85
CA GLU A 799 -11.25 33.27 15.99
C GLU A 799 -10.95 32.69 14.60
N GLY A 800 -11.37 33.41 13.56
CA GLY A 800 -10.96 33.10 12.17
C GLY A 800 -11.57 31.80 11.67
N ASP A 801 -11.28 31.44 10.42
CA ASP A 801 -11.60 30.11 9.93
C ASP A 801 -10.91 29.00 10.71
N ILE A 802 -11.66 27.95 11.01
CA ILE A 802 -11.10 26.84 11.75
C ILE A 802 -9.97 26.13 11.00
N ASP A 803 -9.97 26.21 9.67
CA ASP A 803 -8.91 25.51 8.88
C ASP A 803 -7.50 25.98 9.25
N ASN A 804 -7.41 27.25 9.64
CA ASN A 804 -6.16 27.85 10.11
C ASN A 804 -6.14 28.18 11.62
N ALA A 805 -7.02 27.57 12.40
CA ALA A 805 -6.95 27.66 13.86
C ALA A 805 -5.86 26.72 14.39
N PRO A 806 -5.18 27.11 15.47
CA PRO A 806 -4.12 26.23 15.97
C PRO A 806 -4.69 24.95 16.63
N TRP A 807 -3.99 23.85 16.45
CA TRP A 807 -4.31 22.60 17.08
C TRP A 807 -4.18 22.81 18.61
N PRO A 808 -5.18 22.33 19.39
CA PRO A 808 -5.15 22.56 20.84
C PRO A 808 -3.95 21.88 21.44
N VAL A 809 -3.28 22.57 22.36
CA VAL A 809 -2.18 22.01 23.15
C VAL A 809 -2.62 21.90 24.60
N ALA A 810 -2.34 20.77 25.21
CA ALA A 810 -2.72 20.48 26.57
C ALA A 810 -2.04 21.41 27.59
N ASP A 811 -2.83 21.91 28.51
CA ASP A 811 -2.29 22.78 29.53
C ASP A 811 -1.82 21.89 30.71
N GLU A 812 -0.55 22.03 31.06
CA GLU A 812 0.10 21.21 32.07
C GLU A 812 -0.55 21.43 33.44
N LYS A 813 -0.83 22.69 33.81
CA LYS A 813 -1.49 22.97 35.09
C LYS A 813 -2.86 22.32 35.17
N ALA A 814 -3.57 22.24 34.04
CA ALA A 814 -4.87 21.60 34.05
C ALA A 814 -4.77 20.10 34.25
N MET A 815 -3.65 19.50 33.90
CA MET A 815 -3.50 18.04 34.00
C MET A 815 -3.03 17.49 35.36
N VAL A 816 -2.67 18.40 36.28
CA VAL A 816 -2.21 18.01 37.61
C VAL A 816 -3.33 17.36 38.44
N GLU A 817 -3.00 16.29 39.13
CA GLU A 817 -3.98 15.60 39.95
C GLU A 817 -3.81 16.05 41.40
N ASP A 818 -4.91 16.15 42.14
CA ASP A 818 -4.86 16.36 43.59
C ASP A 818 -4.92 15.05 44.30
N SER A 819 -5.31 14.03 43.57
CA SER A 819 -5.58 12.75 44.17
C SER A 819 -5.19 11.66 43.19
N THR A 820 -5.02 10.45 43.67
CA THR A 820 -4.64 9.36 42.79
C THR A 820 -5.39 8.09 43.22
N LEU A 821 -5.77 7.28 42.24
CA LEU A 821 -6.42 6.04 42.55
C LEU A 821 -5.37 4.94 42.79
N VAL A 822 -5.40 4.31 43.96
CA VAL A 822 -4.46 3.21 44.23
C VAL A 822 -5.17 1.87 44.21
N VAL A 823 -4.72 0.98 43.35
CA VAL A 823 -5.29 -0.36 43.28
C VAL A 823 -4.65 -1.24 44.35
N VAL A 824 -5.47 -1.84 45.22
CA VAL A 824 -4.92 -2.66 46.32
C VAL A 824 -5.14 -4.13 46.06
N GLN A 825 -4.04 -4.85 45.86
CA GLN A 825 -4.10 -6.29 45.72
C GLN A 825 -3.72 -6.97 47.01
N VAL A 826 -4.23 -8.18 47.18
CA VAL A 826 -3.75 -9.08 48.21
C VAL A 826 -3.36 -10.35 47.50
N ASN A 827 -2.10 -10.73 47.64
CA ASN A 827 -1.50 -11.82 46.88
C ASN A 827 -1.76 -11.67 45.40
N GLY A 828 -1.75 -10.44 44.91
CA GLY A 828 -1.89 -10.23 43.48
C GLY A 828 -3.31 -10.20 42.93
N LYS A 829 -4.32 -10.25 43.79
CA LYS A 829 -5.70 -10.09 43.29
C LYS A 829 -6.31 -8.81 43.82
N VAL A 830 -6.99 -8.06 42.95
CA VAL A 830 -7.57 -6.78 43.32
C VAL A 830 -8.65 -6.93 44.40
N ARG A 831 -8.47 -6.27 45.53
CA ARG A 831 -9.47 -6.33 46.57
C ARG A 831 -10.10 -4.99 46.82
N ALA A 832 -9.43 -3.93 46.36
CA ALA A 832 -9.97 -2.56 46.50
C ALA A 832 -9.27 -1.58 45.57
N LYS A 833 -9.85 -0.39 45.46
CA LYS A 833 -9.26 0.71 44.73
C LYS A 833 -9.61 1.94 45.54
N ILE A 834 -8.59 2.55 46.12
CA ILE A 834 -8.74 3.67 47.02
C ILE A 834 -8.20 4.97 46.39
N THR A 835 -8.89 6.08 46.64
CA THR A 835 -8.43 7.38 46.23
C THR A 835 -7.72 8.01 47.42
N VAL A 836 -6.50 8.50 47.18
CA VAL A 836 -5.70 9.05 48.23
C VAL A 836 -5.06 10.39 47.74
N PRO A 837 -4.67 11.29 48.68
CA PRO A 837 -3.93 12.50 48.21
C PRO A 837 -2.75 12.14 47.26
N VAL A 838 -2.56 12.93 46.21
CA VAL A 838 -1.63 12.53 45.13
C VAL A 838 -0.23 12.17 45.65
N ASP A 839 0.20 12.86 46.70
CA ASP A 839 1.50 12.64 47.28
C ASP A 839 1.45 11.84 48.60
N ALA A 840 0.36 11.14 48.86
CA ALA A 840 0.33 10.28 50.04
C ALA A 840 1.62 9.45 50.03
N THR A 841 2.21 9.23 51.20
CA THR A 841 3.38 8.37 51.34
C THR A 841 2.98 6.90 51.32
N GLU A 842 3.96 6.01 51.15
CA GLU A 842 3.70 4.58 51.16
C GLU A 842 3.07 4.12 52.46
N GLU A 843 3.55 4.64 53.60
CA GLU A 843 2.86 4.36 54.92
C GLU A 843 1.41 4.85 54.97
N GLN A 844 1.12 6.05 54.44
CA GLN A 844 -0.26 6.53 54.47
C GLN A 844 -1.15 5.63 53.61
N VAL A 845 -0.64 5.22 52.44
CA VAL A 845 -1.39 4.35 51.54
C VAL A 845 -1.61 3.00 52.19
N ARG A 846 -0.60 2.50 52.86
CA ARG A 846 -0.76 1.22 53.49
C ARG A 846 -1.83 1.24 54.59
N GLU A 847 -1.76 2.26 55.44
CA GLU A 847 -2.75 2.48 56.48
C GLU A 847 -4.14 2.58 55.87
N ARG A 848 -4.29 3.33 54.78
CA ARG A 848 -5.62 3.45 54.19
C ARG A 848 -6.15 2.11 53.62
N ALA A 849 -5.26 1.36 52.96
CA ALA A 849 -5.58 0.03 52.48
C ALA A 849 -6.12 -0.84 53.60
N GLY A 850 -5.40 -0.88 54.71
CA GLY A 850 -5.79 -1.71 55.84
C GLY A 850 -7.03 -1.22 56.56
N GLN A 851 -7.49 0.00 56.24
CA GLN A 851 -8.74 0.48 56.81
C GLN A 851 -9.93 0.05 55.97
N GLU A 852 -9.64 -0.45 54.75
CA GLU A 852 -10.67 -0.96 53.86
C GLU A 852 -11.10 -2.34 54.28
N HIS A 853 -12.38 -2.46 54.60
CA HIS A 853 -13.00 -3.74 54.91
C HIS A 853 -12.73 -4.77 53.82
N LEU A 854 -12.81 -4.34 52.56
CA LEU A 854 -12.63 -5.24 51.41
C LEU A 854 -11.23 -5.87 51.40
N VAL A 855 -10.23 -5.12 51.90
CA VAL A 855 -8.86 -5.64 52.05
C VAL A 855 -8.65 -6.36 53.38
N ALA A 856 -9.11 -5.75 54.47
CA ALA A 856 -8.90 -6.28 55.84
C ALA A 856 -9.49 -7.69 55.93
N LYS A 857 -10.62 -7.89 55.26
CA LYS A 857 -11.20 -9.21 55.07
C LYS A 857 -10.13 -10.24 54.72
N TYR A 858 -9.10 -9.83 53.99
CA TYR A 858 -8.08 -10.78 53.53
C TYR A 858 -6.78 -10.67 54.29
N LEU A 859 -6.74 -9.81 55.29
CA LEU A 859 -5.61 -9.72 56.21
C LEU A 859 -5.92 -10.39 57.56
N ASP A 860 -7.21 -10.43 57.92
CA ASP A 860 -7.66 -11.01 59.19
C ASP A 860 -6.94 -12.30 59.52
N GLY A 861 -6.24 -12.31 60.65
CA GLY A 861 -5.54 -13.50 61.12
C GLY A 861 -4.70 -14.19 60.05
N VAL A 862 -3.89 -13.41 59.36
CA VAL A 862 -2.90 -13.96 58.43
C VAL A 862 -1.75 -12.97 58.36
N THR A 863 -0.59 -13.42 57.93
CA THR A 863 0.63 -12.64 58.14
C THR A 863 1.18 -12.00 56.85
N VAL A 864 1.45 -10.71 56.88
CA VAL A 864 2.02 -10.00 55.75
C VAL A 864 3.53 -10.29 55.60
N ARG A 865 3.87 -11.10 54.61
CA ARG A 865 5.27 -11.48 54.34
C ARG A 865 6.06 -10.33 53.68
N LYS A 866 5.39 -9.55 52.85
CA LYS A 866 6.03 -8.44 52.16
C LYS A 866 5.01 -7.65 51.34
N VAL A 867 5.46 -6.53 50.82
CA VAL A 867 4.58 -5.65 50.10
C VAL A 867 5.31 -5.14 48.85
N ILE A 868 4.60 -5.11 47.74
CA ILE A 868 5.08 -4.45 46.56
C ILE A 868 4.30 -3.17 46.34
N TYR A 869 5.01 -2.06 46.18
CA TYR A 869 4.36 -0.77 46.03
C TYR A 869 4.87 0.03 44.81
N VAL A 870 3.95 0.42 43.93
CA VAL A 870 4.28 1.29 42.78
C VAL A 870 3.70 2.66 43.04
N PRO A 871 4.57 3.64 43.29
CA PRO A 871 4.07 4.86 43.95
C PRO A 871 2.79 5.39 43.33
N GLY A 872 1.77 5.67 44.16
CA GLY A 872 0.55 6.33 43.67
C GLY A 872 -0.26 5.51 42.66
N LYS A 873 0.00 4.20 42.58
CA LYS A 873 -0.60 3.37 41.54
C LYS A 873 -1.05 1.98 42.03
N LEU A 874 -0.18 1.26 42.73
CA LEU A 874 -0.47 -0.12 43.10
C LEU A 874 0.19 -0.48 44.42
N LEU A 875 -0.55 -1.19 45.26
CA LEU A 875 -0.04 -1.78 46.48
C LEU A 875 -0.49 -3.23 46.55
N ASN A 876 0.45 -4.15 46.52
CA ASN A 876 0.11 -5.54 46.59
C ASN A 876 0.62 -6.12 47.92
N LEU A 877 -0.29 -6.66 48.72
CA LEU A 877 0.10 -7.25 50.00
C LEU A 877 0.29 -8.77 49.89
N VAL A 878 1.54 -9.23 49.97
CA VAL A 878 1.82 -10.68 49.89
C VAL A 878 1.68 -11.34 51.28
N VAL A 879 0.85 -12.37 51.34
CA VAL A 879 0.24 -12.83 52.59
C VAL A 879 -0.14 -14.32 52.39
N GLY A 880 0.18 -15.20 53.33
CA GLY A 880 0.63 -14.87 54.66
C GLY A 880 0.53 -16.08 55.59
#